data_5U0L
#
_entry.id   5U0L
#
_cell.length_a   98.710
_cell.length_b   98.710
_cell.length_c   254.725
_cell.angle_alpha   90.00
_cell.angle_beta   90.00
_cell.angle_gamma   90.00
#
_symmetry.space_group_name_H-M   'P 41 21 2'
#
loop_
_entity.id
_entity.type
_entity.pdbx_description
1 polymer 'N-succinylglutamate 5-semialdehyde dehydrogenase'
2 non-polymer 1,2-ETHANEDIOL
3 non-polymer decanal
4 non-polymer (4S)-2-METHYL-2,4-PENTANEDIOL
5 non-polymer 'CHLORIDE ION'
6 non-polymer 'PHOSPHATE ION'
7 water water
#
_entity_poly.entity_id   1
_entity_poly.type   'polypeptide(L)'
_entity_poly.pdbx_seq_one_letter_code
;MHHHHHHANLTGNVYIDGLWLPGHGAPFESVQPVTGETVWDGNAASLEDVDAAVREARKAFLAWRRKSLAERQAVIEAFG
ELLEANKEELAHQIGLETGKPLWESRTEVAAMMGKIPISVKAYNERTGHTESDVAGGHAVLRHRPHGVVAVFGPYNFPGH
LPNGHIVPALLAGNTVVFKPSELTPGVAELTVRLWEKAGLPDGVINLVQGGSDTGKCLARHSLIDGLFFTGSSTVGHLLH
EQFGGQPEKILALEMGGNNPLIVQNVSDLDGAVHHALQSAFLSAGQRCTCARRLLVPKGKKGDEFLARLVEVAARITVAE
FDADPQPFMGSVISAEAANQLLKAQAAMLEKGATSLLEMKQLKPDTGLLSPGIVDATGIELEDQEFFGPLLTVYRYKGFD
EALELANNTRYGLSAGILSDDRKLYNRLVEEVRAGIVNWNRPLTGASSAAPFGGVGASGNHRPSAYYAADYCAWPMASLE
AGKSELPDSLAPGLNFD
;
_entity_poly.pdbx_strand_id   A,B
#
loop_
_chem_comp.id
_chem_comp.type
_chem_comp.name
_chem_comp.formula
8YP non-polymer decanal 'C10 H20 O'
CL non-polymer 'CHLORIDE ION' 'Cl -1'
EDO non-polymer 1,2-ETHANEDIOL 'C2 H6 O2'
MPD non-polymer (4S)-2-METHYL-2,4-PENTANEDIOL 'C6 H14 O2'
PO4 non-polymer 'PHOSPHATE ION' 'O4 P -3'
#
# COMPACT_ATOMS: atom_id res chain seq x y z
N ASN A 9 37.92 -15.97 2.17
CA ASN A 9 37.27 -14.67 2.12
C ASN A 9 35.82 -14.71 2.61
N LEU A 10 35.27 -15.90 2.81
CA LEU A 10 33.91 -16.06 3.29
C LEU A 10 33.92 -16.99 4.50
N THR A 11 33.25 -16.59 5.57
CA THR A 11 33.36 -17.27 6.85
C THR A 11 32.18 -18.17 7.18
N GLY A 12 30.97 -17.82 6.73
CA GLY A 12 29.78 -18.53 7.10
C GLY A 12 29.08 -17.92 8.29
N ASN A 13 29.52 -16.75 8.71
CA ASN A 13 29.10 -16.15 9.96
C ASN A 13 27.91 -15.26 9.75
N VAL A 14 26.94 -15.39 10.63
CA VAL A 14 25.95 -14.35 10.86
C VAL A 14 26.63 -13.00 11.08
N TYR A 15 25.97 -11.91 10.73
CA TYR A 15 26.47 -10.55 10.98
C TYR A 15 25.44 -9.77 11.80
N ILE A 16 25.76 -9.48 13.05
CA ILE A 16 24.80 -8.83 13.95
C ILE A 16 25.47 -7.69 14.70
N ASP A 17 24.86 -6.51 14.66
CA ASP A 17 25.33 -5.34 15.40
C ASP A 17 26.82 -5.09 15.21
N GLY A 18 27.29 -5.28 13.98
CA GLY A 18 28.65 -4.96 13.61
C GLY A 18 29.66 -6.08 13.77
N LEU A 19 29.23 -7.26 14.20
CA LEU A 19 30.14 -8.35 14.58
C LEU A 19 29.79 -9.59 13.78
N TRP A 20 30.77 -10.16 13.11
CA TRP A 20 30.61 -11.46 12.46
C TRP A 20 30.77 -12.58 13.50
N LEU A 21 29.73 -13.38 13.70
CA LEU A 21 29.73 -14.43 14.72
C LEU A 21 29.15 -15.71 14.14
N PRO A 22 29.60 -16.87 14.60
CA PRO A 22 29.00 -18.14 14.14
C PRO A 22 27.53 -18.25 14.54
N GLY A 23 26.72 -18.77 13.62
CA GLY A 23 25.31 -19.00 13.93
C GLY A 23 25.12 -20.11 14.94
N HIS A 24 24.02 -20.02 15.70
CA HIS A 24 23.73 -21.04 16.71
C HIS A 24 22.89 -22.19 16.18
N GLY A 25 22.29 -22.06 14.99
CA GLY A 25 21.49 -23.11 14.43
C GLY A 25 22.34 -24.15 13.73
N ALA A 26 21.67 -25.08 13.06
CA ALA A 26 22.34 -26.23 12.47
C ALA A 26 23.19 -25.81 11.28
N PRO A 27 24.25 -26.57 10.99
CA PRO A 27 25.10 -26.25 9.82
C PRO A 27 24.42 -26.65 8.52
N PHE A 28 24.64 -25.86 7.49
CA PHE A 28 24.24 -26.22 6.15
C PHE A 28 25.31 -25.73 5.18
N GLU A 29 25.16 -26.11 3.92
CA GLU A 29 26.08 -25.69 2.89
C GLU A 29 25.32 -25.23 1.66
N SER A 30 25.99 -24.42 0.88
CA SER A 30 25.54 -24.01 -0.43
C SER A 30 26.47 -24.67 -1.43
N VAL A 31 25.89 -25.35 -2.41
CA VAL A 31 26.65 -26.19 -3.33
C VAL A 31 26.49 -25.66 -4.76
N GLN A 32 27.54 -25.88 -5.55
CA GLN A 32 27.59 -25.35 -6.92
C GLN A 32 26.62 -26.17 -7.78
N PRO A 33 25.64 -25.55 -8.44
CA PRO A 33 24.58 -26.34 -9.07
C PRO A 33 25.05 -27.28 -10.15
N VAL A 34 26.21 -27.04 -10.77
CA VAL A 34 26.77 -27.96 -11.77
C VAL A 34 27.82 -28.87 -11.17
N THR A 35 28.83 -28.29 -10.51
CA THR A 35 29.99 -29.04 -10.01
C THR A 35 29.69 -29.85 -8.76
N GLY A 36 28.68 -29.46 -7.98
CA GLY A 36 28.39 -30.15 -6.74
C GLY A 36 29.35 -29.88 -5.60
N GLU A 37 30.36 -29.03 -5.79
CA GLU A 37 31.29 -28.79 -4.70
C GLU A 37 30.73 -27.77 -3.73
N THR A 38 31.22 -27.81 -2.49
CA THR A 38 30.77 -26.86 -1.50
C THR A 38 31.32 -25.48 -1.85
N VAL A 39 30.44 -24.50 -1.91
CA VAL A 39 30.81 -23.11 -2.18
C VAL A 39 30.64 -22.23 -0.96
N TRP A 40 29.94 -22.71 0.07
CA TRP A 40 29.66 -21.93 1.27
C TRP A 40 29.15 -22.86 2.34
N ASP A 41 29.68 -22.75 3.56
CA ASP A 41 29.20 -23.50 4.71
C ASP A 41 29.14 -22.55 5.90
N GLY A 42 28.21 -22.81 6.81
CA GLY A 42 28.00 -21.95 7.96
C GLY A 42 26.83 -22.46 8.77
N ASN A 43 26.53 -21.76 9.85
CA ASN A 43 25.40 -22.16 10.69
C ASN A 43 24.18 -21.27 10.47
N ALA A 44 23.02 -21.89 10.39
CA ALA A 44 21.79 -21.11 10.32
C ALA A 44 21.66 -20.26 11.59
N ALA A 45 21.11 -19.08 11.42
CA ALA A 45 20.75 -18.30 12.59
C ALA A 45 19.66 -19.05 13.34
N SER A 46 19.76 -19.07 14.66
CA SER A 46 18.79 -19.76 15.48
C SER A 46 17.72 -18.77 15.91
N LEU A 47 16.71 -19.29 16.61
CA LEU A 47 15.68 -18.42 17.18
C LEU A 47 16.31 -17.23 17.87
N GLU A 48 17.25 -17.48 18.80
CA GLU A 48 17.80 -16.36 19.55
C GLU A 48 18.82 -15.55 18.74
N ASP A 49 19.48 -16.14 17.75
CA ASP A 49 20.24 -15.29 16.82
C ASP A 49 19.32 -14.29 16.14
N VAL A 50 18.18 -14.77 15.59
CA VAL A 50 17.24 -13.88 14.93
C VAL A 50 16.73 -12.81 15.88
N ASP A 51 16.37 -13.19 17.11
CA ASP A 51 15.87 -12.22 18.09
C ASP A 51 16.90 -11.12 18.37
N ALA A 52 18.17 -11.50 18.41
CA ALA A 52 19.24 -10.55 18.69
C ALA A 52 19.43 -9.60 17.50
N ALA A 53 19.36 -10.14 16.28
CA ALA A 53 19.43 -9.27 15.11
C ALA A 53 18.30 -8.26 15.13
N VAL A 54 17.09 -8.68 15.51
CA VAL A 54 15.96 -7.75 15.51
C VAL A 54 16.10 -6.73 16.62
N ARG A 55 16.44 -7.18 17.83
CA ARG A 55 16.57 -6.24 18.93
C ARG A 55 17.65 -5.20 18.64
N GLU A 56 18.74 -5.62 17.98
CA GLU A 56 19.84 -4.70 17.73
C GLU A 56 19.49 -3.73 16.61
N ALA A 57 18.93 -4.25 15.51
CA ALA A 57 18.41 -3.39 14.46
C ALA A 57 17.41 -2.38 15.02
N ARG A 58 16.53 -2.81 15.90
CA ARG A 58 15.63 -1.88 16.58
C ARG A 58 16.41 -0.79 17.32
N LYS A 59 17.44 -1.17 18.11
CA LYS A 59 18.29 -0.19 18.82
C LYS A 59 18.97 0.77 17.85
N ALA A 60 19.58 0.24 16.78
CA ALA A 60 20.29 1.11 15.83
C ALA A 60 19.36 2.08 15.13
N PHE A 61 18.10 1.66 14.88
CA PHE A 61 17.14 2.51 14.15
C PHE A 61 17.03 3.87 14.79
N LEU A 62 17.09 3.92 16.13
CA LEU A 62 16.88 5.17 16.86
C LEU A 62 17.86 6.24 16.42
N ALA A 63 19.11 5.87 16.13
CA ALA A 63 20.10 6.85 15.71
C ALA A 63 20.12 6.99 14.20
N TRP A 64 19.92 5.89 13.47
CA TRP A 64 20.01 5.92 12.01
C TRP A 64 18.91 6.78 11.41
N ARG A 65 17.69 6.72 11.99
CA ARG A 65 16.62 7.61 11.56
C ARG A 65 16.95 9.08 11.80
N ARG A 66 17.85 9.38 12.76
CA ARG A 66 18.24 10.75 13.07
C ARG A 66 19.30 11.30 12.11
N LYS A 67 20.08 10.45 11.46
CA LYS A 67 21.00 10.93 10.45
C LYS A 67 20.23 11.68 9.36
N SER A 68 20.88 12.65 8.74
CA SER A 68 20.23 13.35 7.66
C SER A 68 20.09 12.42 6.45
N LEU A 69 19.20 12.80 5.53
CA LEU A 69 19.12 12.09 4.26
C LEU A 69 20.47 12.13 3.52
N ALA A 70 21.14 13.28 3.53
CA ALA A 70 22.43 13.39 2.86
C ALA A 70 23.49 12.50 3.50
N GLU A 71 23.42 12.31 4.82
CA GLU A 71 24.34 11.38 5.46
C GLU A 71 24.02 9.93 5.11
N ARG A 72 22.72 9.56 5.13
CA ARG A 72 22.39 8.20 4.75
C ARG A 72 22.74 7.96 3.31
N GLN A 73 22.43 8.92 2.44
CA GLN A 73 22.73 8.77 1.02
C GLN A 73 24.24 8.63 0.78
N ALA A 74 25.05 9.36 1.56
CA ALA A 74 26.50 9.31 1.36
C ALA A 74 27.03 7.88 1.57
N VAL A 75 26.57 7.21 2.63
CA VAL A 75 27.00 5.83 2.86
C VAL A 75 26.55 4.92 1.73
N ILE A 76 25.28 5.08 1.29
CA ILE A 76 24.76 4.20 0.24
C ILE A 76 25.54 4.42 -1.04
N GLU A 77 25.94 5.65 -1.30
CA GLU A 77 26.77 5.85 -2.49
C GLU A 77 28.15 5.25 -2.31
N ALA A 78 28.71 5.29 -1.09
CA ALA A 78 29.98 4.61 -0.86
C ALA A 78 29.85 3.12 -1.11
N PHE A 79 28.69 2.56 -0.73
CA PHE A 79 28.39 1.18 -1.08
C PHE A 79 28.43 0.98 -2.59
N GLY A 80 27.86 1.93 -3.35
CA GLY A 80 27.88 1.81 -4.80
C GLY A 80 29.28 1.84 -5.38
N GLU A 81 30.10 2.78 -4.91
CA GLU A 81 31.52 2.80 -5.28
C GLU A 81 32.19 1.47 -4.97
N LEU A 82 31.81 0.83 -3.87
CA LEU A 82 32.42 -0.45 -3.54
C LEU A 82 31.88 -1.56 -4.46
N LEU A 83 30.61 -1.52 -4.80
CA LEU A 83 30.12 -2.44 -5.83
C LEU A 83 30.98 -2.34 -7.08
N GLU A 84 31.16 -1.12 -7.58
CA GLU A 84 32.02 -0.94 -8.75
C GLU A 84 33.43 -1.51 -8.49
N ALA A 85 34.06 -1.14 -7.37
CA ALA A 85 35.43 -1.59 -7.13
C ALA A 85 35.55 -3.12 -7.13
N ASN A 86 34.47 -3.83 -6.80
CA ASN A 86 34.48 -5.29 -6.65
C ASN A 86 33.55 -5.98 -7.65
N LYS A 87 33.19 -5.29 -8.74
CA LYS A 87 32.27 -5.80 -9.74
C LYS A 87 32.49 -7.27 -10.06
N GLU A 88 33.71 -7.61 -10.47
CA GLU A 88 34.01 -8.95 -10.96
C GLU A 88 33.91 -10.02 -9.88
N GLU A 89 34.34 -9.72 -8.66
CA GLU A 89 34.29 -10.74 -7.61
C GLU A 89 32.85 -11.01 -7.18
N LEU A 90 32.01 -9.97 -7.18
CA LEU A 90 30.60 -10.19 -6.90
C LEU A 90 29.91 -10.92 -8.04
N ALA A 91 30.26 -10.59 -9.29
CA ALA A 91 29.75 -11.38 -10.41
C ALA A 91 30.17 -12.84 -10.28
N HIS A 92 31.43 -13.07 -9.90
CA HIS A 92 31.91 -14.45 -9.81
C HIS A 92 31.18 -15.23 -8.73
N GLN A 93 30.89 -14.60 -7.60
CA GLN A 93 30.14 -15.28 -6.54
C GLN A 93 28.69 -15.53 -6.96
N ILE A 94 28.04 -14.57 -7.64
CA ILE A 94 26.70 -14.82 -8.19
C ILE A 94 26.73 -16.01 -9.13
N GLY A 95 27.61 -15.98 -10.13
CA GLY A 95 27.68 -17.06 -11.09
C GLY A 95 28.04 -18.40 -10.46
N LEU A 96 29.02 -18.40 -9.57
CA LEU A 96 29.43 -19.64 -8.94
C LEU A 96 28.26 -20.30 -8.21
N GLU A 97 27.46 -19.51 -7.49
CA GLU A 97 26.51 -20.10 -6.54
C GLU A 97 25.12 -20.33 -7.14
N THR A 98 24.77 -19.65 -8.24
CA THR A 98 23.49 -19.84 -8.95
C THR A 98 23.63 -20.63 -10.23
N GLY A 99 24.78 -20.58 -10.90
CA GLY A 99 24.97 -21.13 -12.22
C GLY A 99 24.85 -20.12 -13.34
N LYS A 100 24.36 -18.92 -13.05
CA LYS A 100 24.19 -17.92 -14.10
C LYS A 100 25.53 -17.59 -14.75
N PRO A 101 25.60 -17.53 -16.08
CA PRO A 101 26.89 -17.21 -16.70
C PRO A 101 27.42 -15.87 -16.22
N LEU A 102 28.76 -15.80 -16.16
CA LEU A 102 29.41 -14.56 -15.79
C LEU A 102 28.87 -13.38 -16.60
N TRP A 103 28.74 -13.52 -17.92
CA TRP A 103 28.34 -12.37 -18.71
C TRP A 103 27.05 -11.75 -18.20
N GLU A 104 26.13 -12.56 -17.64
CA GLU A 104 24.89 -11.97 -17.14
C GLU A 104 24.94 -11.66 -15.65
N SER A 105 25.73 -12.40 -14.88
CA SER A 105 25.99 -12.02 -13.49
C SER A 105 26.58 -10.61 -13.41
N ARG A 106 27.51 -10.28 -14.30
CA ARG A 106 27.98 -8.90 -14.34
C ARG A 106 26.82 -7.94 -14.52
N THR A 107 25.82 -8.33 -15.32
CA THR A 107 24.63 -7.50 -15.52
C THR A 107 23.84 -7.31 -14.24
N GLU A 108 23.74 -8.34 -13.39
CA GLU A 108 23.06 -8.14 -12.11
C GLU A 108 23.77 -7.11 -11.26
N VAL A 109 25.11 -7.15 -11.24
CA VAL A 109 25.83 -6.19 -10.40
C VAL A 109 25.61 -4.78 -10.92
N ALA A 110 25.62 -4.60 -12.24
CA ALA A 110 25.31 -3.29 -12.81
C ALA A 110 23.96 -2.81 -12.36
N ALA A 111 23.03 -3.72 -12.15
CA ALA A 111 21.69 -3.35 -11.72
C ALA A 111 21.70 -2.93 -10.25
N MET A 112 22.47 -3.65 -9.41
CA MET A 112 22.67 -3.17 -8.04
C MET A 112 23.15 -1.74 -8.01
N MET A 113 24.05 -1.38 -8.92
CA MET A 113 24.59 -0.02 -8.92
C MET A 113 23.56 0.98 -9.42
N GLY A 114 22.94 0.67 -10.56
CA GLY A 114 21.88 1.53 -11.04
C GLY A 114 20.77 1.72 -10.02
N LYS A 115 20.60 0.75 -9.11
CA LYS A 115 19.55 0.88 -8.11
C LYS A 115 19.66 2.13 -7.25
N ILE A 116 20.87 2.67 -7.14
CA ILE A 116 21.17 3.66 -6.12
C ILE A 116 20.70 5.03 -6.61
N PRO A 117 21.22 5.55 -7.74
CA PRO A 117 20.75 6.88 -8.19
C PRO A 117 19.25 6.90 -8.41
N ILE A 118 18.67 5.81 -8.93
CA ILE A 118 17.24 5.80 -9.16
C ILE A 118 16.48 5.75 -7.84
N SER A 119 16.99 5.04 -6.83
CA SER A 119 16.32 5.09 -5.52
C SER A 119 16.35 6.49 -4.93
N VAL A 120 17.43 7.24 -5.14
CA VAL A 120 17.48 8.58 -4.58
C VAL A 120 16.44 9.46 -5.25
N LYS A 121 16.32 9.37 -6.58
CA LYS A 121 15.29 10.13 -7.29
C LYS A 121 13.90 9.76 -6.79
N ALA A 122 13.63 8.46 -6.72
CA ALA A 122 12.33 7.96 -6.25
C ALA A 122 12.01 8.52 -4.87
N TYR A 123 13.00 8.52 -3.96
CA TYR A 123 12.74 8.95 -2.59
C TYR A 123 12.31 10.41 -2.56
N ASN A 124 13.01 11.27 -3.31
CA ASN A 124 12.66 12.68 -3.29
C ASN A 124 11.33 12.95 -4.03
N GLU A 125 10.92 12.08 -4.95
CA GLU A 125 9.67 12.40 -5.62
C GLU A 125 8.47 11.82 -4.89
N ARG A 126 8.60 10.59 -4.38
CA ARG A 126 7.48 9.88 -3.82
C ARG A 126 7.33 10.01 -2.33
N THR A 127 8.44 10.22 -1.61
CA THR A 127 8.45 10.30 -0.15
C THR A 127 9.43 11.38 0.34
N GLY A 128 9.40 12.55 -0.28
CA GLY A 128 10.24 13.67 0.01
C GLY A 128 9.58 14.66 0.95
N HIS A 129 9.99 15.92 0.83
CA HIS A 129 9.63 17.01 1.73
C HIS A 129 9.15 18.21 0.92
N THR A 130 7.94 18.69 1.18
CA THR A 130 7.38 19.80 0.41
C THR A 130 6.56 20.69 1.33
N GLU A 131 6.28 21.91 0.85
CA GLU A 131 5.66 22.94 1.68
C GLU A 131 4.74 23.84 0.87
N SER A 132 3.66 24.30 1.49
CA SER A 132 2.66 25.09 0.80
C SER A 132 1.96 26.01 1.78
N ASP A 133 1.42 27.10 1.26
CA ASP A 133 0.46 27.89 1.99
C ASP A 133 -0.93 27.54 1.50
N VAL A 134 -1.77 27.08 2.42
CA VAL A 134 -3.12 26.61 2.11
C VAL A 134 -4.08 27.25 3.11
N ALA A 135 -5.37 26.93 2.97
CA ALA A 135 -6.39 27.57 3.78
C ALA A 135 -6.09 27.42 5.27
N GLY A 136 -5.74 26.21 5.70
CA GLY A 136 -5.56 25.95 7.12
C GLY A 136 -4.23 26.37 7.71
N GLY A 137 -3.37 27.02 6.93
CA GLY A 137 -2.10 27.50 7.44
C GLY A 137 -0.96 27.09 6.51
N HIS A 138 0.25 27.10 7.07
CA HIS A 138 1.42 26.67 6.32
C HIS A 138 1.55 25.15 6.40
N ALA A 139 1.65 24.52 5.24
CA ALA A 139 1.57 23.07 5.11
C ALA A 139 2.94 22.50 4.81
N VAL A 140 3.31 21.45 5.54
CA VAL A 140 4.59 20.78 5.40
C VAL A 140 4.33 19.28 5.37
N LEU A 141 4.94 18.58 4.40
CA LEU A 141 4.83 17.14 4.29
C LEU A 141 6.21 16.52 4.38
N ARG A 142 6.37 15.54 5.30
CA ARG A 142 7.57 14.73 5.46
C ARG A 142 7.20 13.26 5.47
N HIS A 143 8.22 12.41 5.28
CA HIS A 143 8.09 10.96 5.33
C HIS A 143 9.08 10.38 6.35
N ARG A 144 8.67 9.29 6.98
CA ARG A 144 9.37 8.69 8.09
C ARG A 144 9.56 7.21 7.82
N PRO A 145 10.67 6.61 8.28
CA PRO A 145 10.85 5.17 8.11
C PRO A 145 9.94 4.39 9.04
N HIS A 146 9.83 3.11 8.78
CA HIS A 146 8.96 2.31 9.63
C HIS A 146 9.65 1.83 10.89
N GLY A 147 10.93 1.51 10.83
CA GLY A 147 11.60 0.82 11.92
C GLY A 147 12.44 -0.33 11.41
N VAL A 148 12.24 -1.52 11.95
CA VAL A 148 13.03 -2.67 11.52
C VAL A 148 12.25 -3.42 10.46
N VAL A 149 12.84 -3.61 9.30
CA VAL A 149 12.20 -4.34 8.21
C VAL A 149 12.97 -5.62 7.95
N ALA A 150 12.26 -6.74 7.93
CA ALA A 150 12.84 -8.00 7.50
C ALA A 150 12.78 -8.09 5.98
N VAL A 151 13.92 -8.37 5.35
CA VAL A 151 14.04 -8.54 3.92
C VAL A 151 14.32 -10.01 3.66
N PHE A 152 13.46 -10.67 2.88
CA PHE A 152 13.68 -12.05 2.46
C PHE A 152 14.09 -12.08 0.99
N GLY A 153 15.28 -12.63 0.72
CA GLY A 153 15.84 -12.65 -0.60
C GLY A 153 15.56 -13.91 -1.38
N PRO A 154 15.50 -13.78 -2.70
CA PRO A 154 15.29 -14.95 -3.56
C PRO A 154 16.61 -15.53 -4.01
N TYR A 155 16.59 -16.64 -4.74
CA TYR A 155 17.83 -17.21 -5.21
C TYR A 155 18.16 -16.83 -6.65
N ASN A 156 17.19 -16.34 -7.43
CA ASN A 156 17.44 -16.14 -8.85
C ASN A 156 18.31 -14.91 -9.09
N PHE A 157 18.01 -13.80 -8.41
CA PHE A 157 18.87 -12.62 -8.40
C PHE A 157 19.25 -12.32 -6.95
N PRO A 158 20.26 -13.02 -6.42
CA PRO A 158 20.55 -12.90 -4.98
C PRO A 158 21.23 -11.59 -4.58
N GLY A 159 21.64 -10.76 -5.53
CA GLY A 159 22.08 -9.42 -5.18
C GLY A 159 21.06 -8.39 -5.60
N HIS A 160 20.63 -8.43 -6.87
CA HIS A 160 19.81 -7.34 -7.41
C HIS A 160 18.46 -7.24 -6.72
N LEU A 161 17.76 -8.37 -6.54
CA LEU A 161 16.43 -8.30 -5.93
C LEU A 161 16.50 -7.90 -4.46
N PRO A 162 17.26 -8.59 -3.59
CA PRO A 162 17.42 -8.08 -2.22
C PRO A 162 17.83 -6.61 -2.18
N ASN A 163 18.77 -6.21 -3.05
CA ASN A 163 19.22 -4.83 -3.10
C ASN A 163 18.07 -3.89 -3.43
N GLY A 164 17.06 -4.38 -4.18
CA GLY A 164 15.94 -3.51 -4.52
C GLY A 164 15.06 -3.16 -3.34
N HIS A 165 15.11 -3.96 -2.28
CA HIS A 165 14.46 -3.58 -1.03
C HIS A 165 15.38 -2.80 -0.10
N ILE A 166 16.65 -3.22 -0.02
CA ILE A 166 17.55 -2.75 1.03
C ILE A 166 17.99 -1.30 0.76
N VAL A 167 18.37 -0.98 -0.48
CA VAL A 167 18.74 0.41 -0.76
C VAL A 167 17.60 1.37 -0.45
N PRO A 168 16.36 1.19 -0.96
CA PRO A 168 15.29 2.13 -0.62
C PRO A 168 14.95 2.14 0.86
N ALA A 169 14.98 0.98 1.52
CA ALA A 169 14.67 0.98 2.95
C ALA A 169 15.77 1.68 3.75
N LEU A 170 17.04 1.39 3.46
CA LEU A 170 18.11 2.06 4.22
C LEU A 170 18.10 3.55 3.98
N LEU A 171 17.94 3.95 2.72
CA LEU A 171 17.91 5.37 2.37
C LEU A 171 16.82 6.10 3.14
N ALA A 172 15.69 5.44 3.40
CA ALA A 172 14.59 6.14 4.04
C ALA A 172 14.73 6.22 5.55
N GLY A 173 15.73 5.56 6.14
CA GLY A 173 15.93 5.58 7.57
C GLY A 173 15.57 4.32 8.32
N ASN A 174 15.19 3.27 7.63
CA ASN A 174 14.94 1.97 8.23
C ASN A 174 16.25 1.25 8.51
N THR A 175 16.17 0.23 9.37
CA THR A 175 17.22 -0.77 9.49
C THR A 175 16.68 -2.12 9.03
N VAL A 176 17.60 -3.02 8.68
CA VAL A 176 17.29 -4.25 7.95
C VAL A 176 17.86 -5.46 8.69
N VAL A 177 17.05 -6.51 8.77
CA VAL A 177 17.49 -7.86 9.09
C VAL A 177 17.31 -8.69 7.83
N PHE A 178 18.40 -9.05 7.19
CA PHE A 178 18.38 -9.66 5.87
C PHE A 178 18.45 -11.17 6.01
N LYS A 179 17.41 -11.86 5.57
CA LYS A 179 17.42 -13.32 5.60
C LYS A 179 17.50 -13.82 4.16
N PRO A 180 18.67 -14.15 3.67
CA PRO A 180 18.80 -14.59 2.27
C PRO A 180 18.29 -16.01 2.03
N SER A 181 18.19 -16.32 0.75
CA SER A 181 17.82 -17.68 0.39
C SER A 181 18.92 -18.62 0.81
N GLU A 182 18.53 -19.75 1.40
CA GLU A 182 19.52 -20.75 1.78
C GLU A 182 20.28 -21.31 0.59
N LEU A 183 19.86 -21.00 -0.62
CA LEU A 183 20.60 -21.43 -1.80
C LEU A 183 21.61 -20.40 -2.25
N THR A 184 21.52 -19.16 -1.75
CA THR A 184 22.49 -18.14 -2.16
C THR A 184 23.05 -17.40 -0.94
N PRO A 185 23.46 -18.11 0.13
CA PRO A 185 24.06 -17.41 1.30
C PRO A 185 25.37 -16.68 1.02
N GLY A 186 26.25 -17.27 0.23
CA GLY A 186 27.52 -16.61 -0.08
C GLY A 186 27.35 -15.22 -0.64
N VAL A 187 26.53 -15.08 -1.67
CA VAL A 187 26.30 -13.77 -2.29
C VAL A 187 25.89 -12.75 -1.24
N ALA A 188 25.00 -13.15 -0.32
CA ALA A 188 24.55 -12.22 0.70
C ALA A 188 25.69 -11.84 1.64
N GLU A 189 26.47 -12.82 2.11
CA GLU A 189 27.61 -12.50 2.98
C GLU A 189 28.56 -11.51 2.32
N LEU A 190 28.90 -11.76 1.06
CA LEU A 190 29.80 -10.84 0.36
C LEU A 190 29.18 -9.46 0.20
N THR A 191 27.86 -9.40 -0.06
CA THR A 191 27.17 -8.11 -0.18
C THR A 191 27.18 -7.36 1.15
N VAL A 192 26.83 -8.05 2.22
CA VAL A 192 26.83 -7.43 3.54
C VAL A 192 28.23 -6.96 3.93
N ARG A 193 29.28 -7.68 3.51
CA ARG A 193 30.65 -7.21 3.77
C ARG A 193 30.91 -5.88 3.07
N LEU A 194 30.36 -5.72 1.87
CA LEU A 194 30.54 -4.45 1.16
C LEU A 194 29.80 -3.34 1.89
N TRP A 195 28.62 -3.64 2.44
CA TRP A 195 27.90 -2.66 3.25
C TRP A 195 28.73 -2.22 4.45
N GLU A 196 29.43 -3.18 5.07
CA GLU A 196 30.32 -2.85 6.19
C GLU A 196 31.47 -1.95 5.75
N LYS A 197 32.25 -2.39 4.75
CA LYS A 197 33.33 -1.52 4.29
C LYS A 197 32.79 -0.17 3.90
N ALA A 198 31.52 -0.08 3.56
CA ALA A 198 30.92 1.19 3.19
C ALA A 198 30.72 2.11 4.40
N GLY A 199 30.82 1.57 5.61
CA GLY A 199 30.62 2.36 6.80
C GLY A 199 29.23 2.38 7.38
N LEU A 200 28.41 1.39 7.10
CA LEU A 200 27.07 1.38 7.68
C LEU A 200 27.20 1.15 9.19
N PRO A 201 26.53 1.94 10.04
CA PRO A 201 26.71 1.75 11.49
C PRO A 201 26.25 0.37 11.96
N ASP A 202 26.82 -0.04 13.09
CA ASP A 202 26.50 -1.33 13.69
C ASP A 202 25.01 -1.48 13.85
N GLY A 203 24.47 -2.62 13.39
CA GLY A 203 23.08 -2.94 13.56
C GLY A 203 22.15 -2.38 12.51
N VAL A 204 22.61 -1.41 11.70
CA VAL A 204 21.74 -0.86 10.66
C VAL A 204 21.43 -1.91 9.62
N ILE A 205 22.33 -2.87 9.41
CA ILE A 205 22.02 -4.04 8.60
C ILE A 205 22.52 -5.27 9.33
N ASN A 206 21.79 -6.37 9.21
CA ASN A 206 22.06 -7.58 9.98
C ASN A 206 21.81 -8.73 9.03
N LEU A 207 22.75 -9.66 8.95
CA LEU A 207 22.65 -10.83 8.10
C LEU A 207 22.31 -12.04 8.95
N VAL A 208 21.25 -12.74 8.59
CA VAL A 208 20.83 -13.91 9.33
C VAL A 208 20.58 -15.01 8.29
N GLN A 209 21.57 -15.87 8.10
CA GLN A 209 21.48 -16.98 7.17
C GLN A 209 20.61 -18.06 7.77
N GLY A 210 20.04 -18.88 6.90
CA GLY A 210 19.26 -20.04 7.31
C GLY A 210 18.25 -20.40 6.24
N GLY A 211 17.52 -21.47 6.54
CA GLY A 211 16.45 -21.89 5.68
C GLY A 211 15.13 -21.49 6.26
N SER A 212 14.21 -22.43 6.36
CA SER A 212 12.82 -22.11 6.66
C SER A 212 12.61 -21.85 8.14
N ASP A 213 13.34 -22.58 8.99
CA ASP A 213 13.30 -22.34 10.43
C ASP A 213 13.72 -20.91 10.76
N THR A 214 14.83 -20.47 10.17
CA THR A 214 15.30 -19.10 10.39
C THR A 214 14.28 -18.10 9.89
N GLY A 215 13.76 -18.33 8.68
CA GLY A 215 12.80 -17.41 8.09
C GLY A 215 11.54 -17.28 8.92
N LYS A 216 11.04 -18.39 9.44
CA LYS A 216 9.84 -18.32 10.27
C LYS A 216 10.09 -17.49 11.53
N CYS A 217 11.24 -17.68 12.19
CA CYS A 217 11.52 -16.91 13.39
C CYS A 217 11.53 -15.43 13.12
N LEU A 218 12.10 -15.04 11.98
CA LEU A 218 12.15 -13.63 11.63
C LEU A 218 10.76 -13.12 11.23
N ALA A 219 10.09 -13.82 10.30
CA ALA A 219 8.77 -13.39 9.83
C ALA A 219 7.79 -13.24 10.97
N ARG A 220 7.86 -14.16 11.96
CA ARG A 220 6.96 -14.20 13.11
C ARG A 220 7.42 -13.36 14.28
N HIS A 221 8.57 -12.74 14.21
CA HIS A 221 9.07 -11.99 15.35
C HIS A 221 8.19 -10.76 15.59
N SER A 222 7.78 -10.54 16.84
CA SER A 222 6.82 -9.45 17.09
C SER A 222 7.45 -8.07 17.05
N LEU A 223 8.74 -7.92 16.77
CA LEU A 223 9.37 -6.60 16.84
C LEU A 223 9.81 -6.05 15.50
N ILE A 224 9.63 -6.79 14.41
CA ILE A 224 9.85 -6.19 13.11
C ILE A 224 8.71 -5.22 12.81
N ASP A 225 9.03 -4.10 12.17
CA ASP A 225 8.02 -3.12 11.78
C ASP A 225 7.57 -3.31 10.34
N GLY A 226 8.31 -4.08 9.55
CA GLY A 226 7.95 -4.33 8.18
C GLY A 226 8.62 -5.59 7.68
N LEU A 227 7.99 -6.20 6.66
CA LEU A 227 8.54 -7.39 6.01
C LEU A 227 8.45 -7.20 4.52
N PHE A 228 9.57 -7.34 3.83
CA PHE A 228 9.65 -7.17 2.39
C PHE A 228 10.09 -8.49 1.79
N PHE A 229 9.22 -9.07 0.93
CA PHE A 229 9.40 -10.44 0.47
C PHE A 229 9.42 -10.52 -1.05
N THR A 230 10.41 -11.21 -1.60
CA THR A 230 10.46 -11.60 -3.00
C THR A 230 10.63 -13.12 -3.05
N GLY A 231 9.70 -13.79 -3.72
CA GLY A 231 9.73 -15.25 -3.77
C GLY A 231 8.37 -15.81 -4.19
N SER A 232 8.16 -17.07 -3.83
CA SER A 232 7.06 -17.82 -4.39
C SER A 232 5.74 -17.26 -3.90
N SER A 233 4.74 -17.30 -4.78
CA SER A 233 3.41 -16.82 -4.46
C SER A 233 2.80 -17.62 -3.32
N THR A 234 3.09 -18.92 -3.25
CA THR A 234 2.60 -19.73 -2.14
C THR A 234 3.10 -19.17 -0.80
N VAL A 235 4.42 -19.01 -0.65
CA VAL A 235 4.92 -18.50 0.62
C VAL A 235 4.45 -17.06 0.84
N GLY A 236 4.41 -16.24 -0.21
CA GLY A 236 3.94 -14.87 -0.04
C GLY A 236 2.50 -14.80 0.47
N HIS A 237 1.65 -15.75 0.05
CA HIS A 237 0.29 -15.81 0.57
C HIS A 237 0.26 -16.29 2.01
N LEU A 238 1.12 -17.25 2.39
CA LEU A 238 1.20 -17.64 3.79
C LEU A 238 1.56 -16.46 4.66
N LEU A 239 2.53 -15.66 4.20
CA LEU A 239 2.93 -14.46 4.93
C LEU A 239 1.76 -13.50 5.08
N HIS A 240 1.02 -13.29 3.99
CA HIS A 240 -0.08 -12.34 4.04
C HIS A 240 -1.12 -12.78 5.07
N GLU A 241 -1.39 -14.09 5.12
CA GLU A 241 -2.32 -14.64 6.10
C GLU A 241 -1.74 -14.52 7.50
N GLN A 242 -0.42 -14.68 7.62
CA GLN A 242 0.25 -14.51 8.90
C GLN A 242 0.01 -13.11 9.43
N PHE A 243 0.15 -12.10 8.56
CA PHE A 243 -0.04 -10.72 8.94
C PHE A 243 -1.50 -10.33 9.08
N GLY A 244 -2.45 -11.22 8.76
CA GLY A 244 -3.85 -10.86 8.84
C GLY A 244 -4.20 -10.47 10.25
N GLY A 245 -4.71 -9.24 10.42
CA GLY A 245 -5.01 -8.70 11.72
C GLY A 245 -3.93 -7.79 12.29
N GLN A 246 -2.80 -7.67 11.61
CA GLN A 246 -1.67 -6.84 12.03
C GLN A 246 -1.41 -5.77 11.00
N PRO A 247 -2.36 -4.86 10.78
CA PRO A 247 -2.14 -3.80 9.79
C PRO A 247 -1.01 -2.86 10.17
N GLU A 248 -0.51 -2.91 11.42
CA GLU A 248 0.54 -2.00 11.90
C GLU A 248 1.86 -2.23 11.19
N LYS A 249 2.12 -3.47 10.77
CA LYS A 249 3.33 -3.85 10.06
C LYS A 249 3.08 -3.76 8.57
N ILE A 250 3.98 -3.10 7.85
CA ILE A 250 3.83 -3.02 6.40
C ILE A 250 4.45 -4.25 5.77
N LEU A 251 3.71 -4.86 4.85
CA LEU A 251 4.07 -6.09 4.19
C LEU A 251 4.12 -5.77 2.70
N ALA A 252 5.25 -6.08 2.08
CA ALA A 252 5.45 -5.88 0.66
C ALA A 252 5.84 -7.22 0.07
N LEU A 253 5.06 -7.66 -0.93
CA LEU A 253 5.19 -8.97 -1.57
C LEU A 253 5.45 -8.81 -3.07
N GLU A 254 6.56 -9.36 -3.54
CA GLU A 254 6.88 -9.41 -4.96
C GLU A 254 6.96 -10.89 -5.32
N MET A 255 6.01 -11.37 -6.09
CA MET A 255 5.83 -12.80 -6.27
C MET A 255 5.89 -13.13 -7.76
N GLY A 256 5.68 -14.41 -8.07
CA GLY A 256 5.84 -14.87 -9.42
C GLY A 256 4.65 -14.56 -10.32
N GLY A 257 4.64 -15.19 -11.48
CA GLY A 257 3.57 -14.99 -12.45
C GLY A 257 3.46 -16.14 -13.44
N ASN A 258 2.43 -16.08 -14.28
CA ASN A 258 2.20 -17.04 -15.36
C ASN A 258 2.05 -16.26 -16.67
N ASN A 259 3.17 -15.73 -17.15
CA ASN A 259 3.20 -14.59 -18.06
C ASN A 259 3.02 -15.02 -19.51
N PRO A 260 2.10 -14.39 -20.26
CA PRO A 260 1.90 -14.74 -21.67
C PRO A 260 2.64 -13.78 -22.59
N LEU A 261 3.20 -14.32 -23.65
CA LEU A 261 3.76 -13.54 -24.74
C LEU A 261 2.96 -13.85 -26.00
N ILE A 262 2.41 -12.81 -26.63
CA ILE A 262 1.68 -12.95 -27.89
C ILE A 262 2.61 -12.54 -29.02
N VAL A 263 2.61 -13.31 -30.09
CA VAL A 263 3.34 -12.97 -31.30
C VAL A 263 2.41 -13.15 -32.50
N GLN A 264 1.99 -12.04 -33.09
CA GLN A 264 1.11 -12.04 -34.25
C GLN A 264 1.46 -10.89 -35.18
N ASN A 265 1.73 -11.21 -36.43
CA ASN A 265 1.92 -10.19 -37.46
C ASN A 265 3.29 -9.53 -37.31
N VAL A 266 4.35 -10.28 -37.51
CA VAL A 266 5.70 -9.72 -37.48
C VAL A 266 6.34 -9.95 -38.84
N SER A 267 6.96 -8.91 -39.37
CA SER A 267 7.63 -8.97 -40.64
C SER A 267 9.08 -9.36 -40.53
N ASP A 268 9.67 -9.27 -39.33
CA ASP A 268 11.06 -9.62 -39.08
C ASP A 268 11.07 -10.89 -38.23
N LEU A 269 11.08 -12.04 -38.91
CA LEU A 269 10.97 -13.32 -38.24
C LEU A 269 12.02 -13.48 -37.15
N ASP A 270 13.30 -13.42 -37.51
CA ASP A 270 14.34 -13.65 -36.53
C ASP A 270 14.28 -12.63 -35.40
N GLY A 271 14.07 -11.35 -35.72
CA GLY A 271 13.91 -10.36 -34.68
C GLY A 271 12.84 -10.76 -33.68
N ALA A 272 11.73 -11.32 -34.17
CA ALA A 272 10.66 -11.78 -33.29
C ALA A 272 11.04 -13.07 -32.58
N VAL A 273 11.81 -13.94 -33.23
CA VAL A 273 12.25 -15.16 -32.56
C VAL A 273 13.28 -14.84 -31.49
N HIS A 274 14.07 -13.80 -31.68
CA HIS A 274 15.05 -13.39 -30.69
C HIS A 274 14.37 -12.92 -29.41
N HIS A 275 13.43 -11.97 -29.54
CA HIS A 275 12.73 -11.48 -28.35
C HIS A 275 11.97 -12.60 -27.66
N ALA A 276 11.45 -13.56 -28.44
CA ALA A 276 10.71 -14.67 -27.85
C ALA A 276 11.65 -15.60 -27.08
N LEU A 277 12.89 -15.79 -27.56
CA LEU A 277 13.85 -16.64 -26.85
C LEU A 277 14.31 -15.98 -25.55
N GLN A 278 14.73 -14.72 -25.64
CA GLN A 278 15.02 -13.94 -24.43
C GLN A 278 13.90 -14.10 -23.41
N SER A 279 12.65 -13.84 -23.84
CA SER A 279 11.52 -13.83 -22.92
C SER A 279 11.40 -15.12 -22.13
N ALA A 280 11.64 -16.26 -22.78
CA ALA A 280 11.36 -17.55 -22.15
C ALA A 280 12.59 -18.23 -21.52
N PHE A 281 13.80 -17.98 -22.01
CA PHE A 281 14.91 -18.82 -21.58
C PHE A 281 16.10 -18.07 -20.98
N LEU A 282 16.06 -16.75 -20.97
CA LEU A 282 17.12 -15.99 -20.35
C LEU A 282 17.22 -16.39 -18.87
N SER A 283 18.44 -16.55 -18.37
CA SER A 283 18.64 -17.03 -17.01
C SER A 283 18.05 -18.43 -16.82
N ALA A 284 17.97 -19.23 -17.88
CA ALA A 284 17.34 -20.55 -17.85
C ALA A 284 15.87 -20.45 -17.40
N GLY A 285 15.22 -19.36 -17.77
CA GLY A 285 13.83 -19.13 -17.39
C GLY A 285 13.61 -18.97 -15.90
N GLN A 286 14.54 -18.29 -15.20
CA GLN A 286 14.38 -18.05 -13.78
C GLN A 286 14.18 -16.57 -13.47
N ARG A 287 13.96 -15.74 -14.49
CA ARG A 287 13.55 -14.36 -14.22
C ARG A 287 12.05 -14.28 -13.95
N CYS A 288 11.70 -13.48 -12.95
CA CYS A 288 10.31 -13.39 -12.51
C CYS A 288 9.36 -13.09 -13.67
N THR A 289 9.83 -12.31 -14.65
CA THR A 289 9.00 -11.87 -15.75
C THR A 289 9.12 -12.75 -16.98
N CYS A 290 9.71 -13.93 -16.88
CA CYS A 290 9.88 -14.79 -18.05
C CYS A 290 8.53 -15.20 -18.63
N ALA A 291 8.48 -15.26 -19.96
CA ALA A 291 7.32 -15.80 -20.66
C ALA A 291 7.18 -17.28 -20.34
N ARG A 292 6.00 -17.67 -19.84
CA ARG A 292 5.71 -19.07 -19.58
C ARG A 292 4.79 -19.68 -20.61
N ARG A 293 3.97 -18.84 -21.24
CA ARG A 293 2.97 -19.23 -22.22
C ARG A 293 3.17 -18.39 -23.45
N LEU A 294 3.43 -19.05 -24.58
CA LEU A 294 3.57 -18.38 -25.86
C LEU A 294 2.31 -18.62 -26.70
N LEU A 295 1.62 -17.54 -27.08
CA LEU A 295 0.33 -17.59 -27.74
C LEU A 295 0.51 -17.17 -29.19
N VAL A 296 0.32 -18.12 -30.11
CA VAL A 296 0.62 -17.89 -31.53
C VAL A 296 -0.63 -18.08 -32.41
N PRO A 297 -0.87 -17.21 -33.40
CA PRO A 297 -2.02 -17.40 -34.29
C PRO A 297 -1.92 -18.72 -35.02
N LYS A 298 -3.05 -19.42 -35.09
CA LYS A 298 -3.11 -20.70 -35.78
C LYS A 298 -2.79 -20.51 -37.26
N GLY A 299 -2.23 -21.56 -37.86
CA GLY A 299 -2.05 -21.59 -39.30
C GLY A 299 -0.72 -21.12 -39.87
N LYS A 300 -0.78 -20.58 -41.08
CA LYS A 300 0.38 -20.37 -41.93
C LYS A 300 1.50 -19.53 -41.33
N LYS A 301 1.25 -18.24 -41.06
CA LYS A 301 2.33 -17.35 -40.63
C LYS A 301 2.87 -17.69 -39.24
N GLY A 302 2.16 -18.51 -38.47
CA GLY A 302 2.60 -18.78 -37.12
C GLY A 302 3.34 -20.08 -37.11
N ASP A 303 2.96 -20.99 -37.99
CA ASP A 303 3.66 -22.25 -38.09
C ASP A 303 5.12 -22.01 -38.49
N GLU A 304 5.35 -21.02 -39.35
CA GLU A 304 6.73 -20.68 -39.70
C GLU A 304 7.47 -20.14 -38.49
N PHE A 305 6.81 -19.27 -37.72
CA PHE A 305 7.40 -18.71 -36.51
C PHE A 305 7.77 -19.80 -35.52
N LEU A 306 6.82 -20.66 -35.17
CA LEU A 306 7.12 -21.75 -34.26
C LEU A 306 8.23 -22.65 -34.80
N ALA A 307 8.31 -22.80 -36.12
CA ALA A 307 9.35 -23.64 -36.71
C ALA A 307 10.72 -22.99 -36.57
N ARG A 308 10.82 -21.71 -36.92
CA ARG A 308 12.06 -20.99 -36.74
C ARG A 308 12.40 -20.89 -35.26
N LEU A 309 11.40 -20.67 -34.41
CA LEU A 309 11.61 -20.55 -32.97
C LEU A 309 12.15 -21.85 -32.38
N VAL A 310 11.65 -23.00 -32.84
CA VAL A 310 12.18 -24.27 -32.37
C VAL A 310 13.60 -24.50 -32.86
N GLU A 311 13.87 -24.14 -34.11
CA GLU A 311 15.21 -24.33 -34.67
C GLU A 311 16.26 -23.60 -33.85
N VAL A 312 16.06 -22.30 -33.64
CA VAL A 312 17.07 -21.50 -32.98
C VAL A 312 17.15 -21.86 -31.50
N ALA A 313 16.02 -22.24 -30.89
CA ALA A 313 16.06 -22.64 -29.49
C ALA A 313 16.90 -23.88 -29.28
N ALA A 314 16.95 -24.77 -30.28
CA ALA A 314 17.75 -25.97 -30.18
C ALA A 314 19.25 -25.73 -30.34
N ARG A 315 19.67 -24.55 -30.80
CA ARG A 315 21.09 -24.25 -30.83
C ARG A 315 21.51 -23.31 -29.68
N ILE A 316 20.62 -23.10 -28.71
CA ILE A 316 21.00 -22.38 -27.50
C ILE A 316 22.06 -23.19 -26.76
N THR A 317 23.10 -22.50 -26.30
CA THR A 317 24.16 -23.15 -25.53
C THR A 317 23.93 -22.97 -24.03
N VAL A 318 24.19 -24.04 -23.28
CA VAL A 318 23.96 -24.14 -21.84
C VAL A 318 25.18 -24.81 -21.25
N ALA A 319 25.85 -24.15 -20.30
CA ALA A 319 27.11 -24.66 -19.76
C ALA A 319 27.36 -24.08 -18.38
N GLU A 320 28.58 -24.26 -17.87
CA GLU A 320 28.99 -23.74 -16.57
C GLU A 320 29.06 -22.21 -16.59
N PHE A 321 28.88 -21.62 -15.42
CA PHE A 321 28.84 -20.16 -15.36
C PHE A 321 30.10 -19.52 -15.95
N ASP A 322 31.23 -20.25 -15.94
CA ASP A 322 32.53 -19.74 -16.35
C ASP A 322 33.09 -20.45 -17.58
N ALA A 323 32.22 -20.88 -18.51
CA ALA A 323 32.65 -21.65 -19.67
C ALA A 323 33.58 -20.83 -20.58
N ASP A 324 34.50 -21.53 -21.26
CA ASP A 324 35.57 -20.86 -22.01
C ASP A 324 35.03 -19.88 -23.02
N PRO A 325 34.06 -20.25 -23.90
CA PRO A 325 33.13 -19.28 -24.48
C PRO A 325 31.86 -19.31 -23.66
N GLN A 326 31.29 -18.16 -23.36
CA GLN A 326 30.15 -18.13 -22.45
C GLN A 326 28.94 -18.78 -23.10
N PRO A 327 28.19 -19.60 -22.37
CA PRO A 327 26.92 -20.10 -22.90
C PRO A 327 25.84 -19.04 -22.77
N PHE A 328 24.75 -19.24 -23.50
CA PHE A 328 23.64 -18.32 -23.39
C PHE A 328 23.04 -18.36 -22.00
N MET A 329 22.84 -19.54 -21.44
CA MET A 329 22.24 -19.70 -20.13
C MET A 329 22.99 -20.80 -19.37
N GLY A 330 22.74 -20.86 -18.07
CA GLY A 330 23.40 -21.86 -17.27
C GLY A 330 22.43 -22.83 -16.65
N SER A 331 22.92 -23.53 -15.64
CA SER A 331 22.14 -24.48 -14.87
C SER A 331 21.00 -23.77 -14.15
N VAL A 332 19.92 -24.51 -13.91
CA VAL A 332 18.91 -24.05 -12.96
C VAL A 332 19.57 -24.18 -11.59
N ILE A 333 18.87 -23.74 -10.55
CA ILE A 333 19.52 -23.50 -9.27
C ILE A 333 19.98 -24.80 -8.63
N SER A 334 19.33 -25.93 -8.92
CA SER A 334 19.74 -27.16 -8.24
C SER A 334 19.25 -28.37 -9.02
N ALA A 335 19.84 -29.53 -8.70
CA ALA A 335 19.38 -30.76 -9.33
C ALA A 335 17.95 -31.11 -8.92
N GLU A 336 17.55 -30.72 -7.71
CA GLU A 336 16.17 -30.97 -7.30
C GLU A 336 15.20 -30.19 -8.20
N ALA A 337 15.43 -28.88 -8.33
CA ALA A 337 14.65 -28.08 -9.23
C ALA A 337 14.60 -28.69 -10.62
N ALA A 338 15.77 -29.05 -11.18
CA ALA A 338 15.76 -29.71 -12.50
C ALA A 338 14.89 -30.96 -12.47
N ASN A 339 14.90 -31.68 -11.35
CA ASN A 339 14.09 -32.88 -11.23
C ASN A 339 12.62 -32.54 -11.35
N GLN A 340 12.20 -31.47 -10.67
CA GLN A 340 10.79 -31.10 -10.68
C GLN A 340 10.40 -30.49 -12.02
N LEU A 341 11.32 -29.81 -12.70
CA LEU A 341 11.02 -29.34 -14.04
C LEU A 341 10.82 -30.49 -15.03
N LEU A 342 11.66 -31.53 -14.97
CA LEU A 342 11.45 -32.69 -15.83
C LEU A 342 10.13 -33.38 -15.54
N LYS A 343 9.75 -33.45 -14.26
CA LYS A 343 8.46 -34.04 -13.94
C LYS A 343 7.32 -33.17 -14.45
N ALA A 344 7.49 -31.86 -14.46
CA ALA A 344 6.45 -30.98 -14.99
C ALA A 344 6.18 -31.27 -16.48
N GLN A 345 7.23 -31.28 -17.32
CA GLN A 345 6.95 -31.50 -18.74
C GLN A 345 6.47 -32.94 -18.99
N ALA A 346 6.89 -33.90 -18.18
CA ALA A 346 6.32 -35.23 -18.30
C ALA A 346 4.81 -35.20 -18.09
N ALA A 347 4.37 -34.56 -17.01
CA ALA A 347 2.94 -34.44 -16.76
C ALA A 347 2.24 -33.80 -17.95
N MET A 348 2.83 -32.74 -18.51
CA MET A 348 2.20 -32.08 -19.65
C MET A 348 1.96 -33.08 -20.76
N LEU A 349 3.00 -33.83 -21.14
CA LEU A 349 2.84 -34.78 -22.23
C LEU A 349 1.82 -35.86 -21.87
N GLU A 350 1.93 -36.41 -20.66
CA GLU A 350 0.95 -37.36 -20.15
C GLU A 350 -0.47 -36.79 -20.14
N LYS A 351 -0.61 -35.47 -20.18
CA LYS A 351 -1.90 -34.81 -20.17
C LYS A 351 -2.50 -34.68 -21.56
N GLY A 352 -1.71 -34.91 -22.59
CA GLY A 352 -2.18 -34.75 -23.95
C GLY A 352 -1.43 -33.71 -24.76
N ALA A 353 -0.55 -32.94 -24.14
CA ALA A 353 0.22 -31.99 -24.91
C ALA A 353 1.22 -32.72 -25.78
N THR A 354 1.75 -32.02 -26.76
CA THR A 354 2.76 -32.59 -27.65
C THR A 354 4.03 -31.76 -27.54
N SER A 355 5.15 -32.46 -27.61
CA SER A 355 6.47 -31.90 -27.38
C SER A 355 7.02 -31.32 -28.68
N LEU A 356 7.30 -30.02 -28.68
CA LEU A 356 8.00 -29.43 -29.81
C LEU A 356 9.52 -29.53 -29.67
N LEU A 357 10.04 -29.34 -28.46
CA LEU A 357 11.46 -29.44 -28.18
C LEU A 357 11.59 -30.03 -26.79
N GLU A 358 12.34 -31.12 -26.66
CA GLU A 358 12.42 -31.81 -25.38
C GLU A 358 13.47 -31.10 -24.50
N MET A 359 13.04 -30.67 -23.31
CA MET A 359 13.98 -30.26 -22.26
C MET A 359 14.72 -31.47 -21.73
N LYS A 360 16.05 -31.44 -21.80
CA LYS A 360 16.87 -32.57 -21.41
C LYS A 360 17.87 -32.17 -20.33
N GLN A 361 18.13 -33.12 -19.43
CA GLN A 361 19.14 -32.93 -18.40
C GLN A 361 20.50 -33.17 -19.02
N LEU A 362 21.33 -32.13 -19.09
CA LEU A 362 22.58 -32.27 -19.83
C LEU A 362 23.63 -33.09 -19.07
N LYS A 363 23.53 -33.16 -17.74
CA LYS A 363 24.47 -33.96 -16.96
C LYS A 363 23.75 -34.50 -15.73
N PRO A 364 23.98 -35.75 -15.38
CA PRO A 364 23.09 -36.47 -14.47
C PRO A 364 22.64 -35.76 -13.19
N ASP A 365 23.56 -35.38 -12.28
CA ASP A 365 23.07 -34.79 -11.03
C ASP A 365 23.37 -33.31 -10.95
N THR A 366 22.85 -32.55 -11.89
CA THR A 366 23.06 -31.12 -11.99
C THR A 366 21.74 -30.46 -12.35
N GLY A 367 21.75 -29.13 -12.43
CA GLY A 367 20.58 -28.40 -12.89
C GLY A 367 20.67 -27.97 -14.33
N LEU A 368 21.53 -28.62 -15.10
CA LEU A 368 21.74 -28.25 -16.51
C LEU A 368 20.60 -28.79 -17.35
N LEU A 369 19.72 -27.89 -17.80
CA LEU A 369 18.58 -28.25 -18.60
C LEU A 369 18.68 -27.59 -19.97
N SER A 370 18.37 -28.36 -21.01
CA SER A 370 18.23 -27.76 -22.32
C SER A 370 16.82 -27.17 -22.44
N PRO A 371 16.64 -26.19 -23.32
CA PRO A 371 15.32 -25.54 -23.44
C PRO A 371 14.24 -26.52 -23.87
N GLY A 372 13.05 -26.30 -23.36
CA GLY A 372 11.91 -27.15 -23.66
C GLY A 372 10.71 -26.35 -24.09
N ILE A 373 10.04 -26.81 -25.13
CA ILE A 373 8.85 -26.17 -25.68
C ILE A 373 7.78 -27.24 -25.86
N VAL A 374 6.59 -26.96 -25.32
CA VAL A 374 5.45 -27.86 -25.34
C VAL A 374 4.26 -27.11 -25.91
N ASP A 375 3.48 -27.79 -26.76
CA ASP A 375 2.22 -27.24 -27.31
C ASP A 375 1.06 -27.88 -26.57
N ALA A 376 0.33 -27.08 -25.79
CA ALA A 376 -0.86 -27.55 -25.08
C ALA A 376 -2.13 -26.94 -25.66
N THR A 377 -2.14 -26.68 -26.97
CA THR A 377 -3.20 -25.86 -27.57
C THR A 377 -4.60 -26.33 -27.22
N GLY A 378 -4.82 -27.63 -27.07
CA GLY A 378 -6.15 -28.05 -26.68
C GLY A 378 -6.26 -28.60 -25.27
N ILE A 379 -5.12 -28.59 -24.53
CA ILE A 379 -5.01 -29.28 -23.25
C ILE A 379 -5.12 -28.27 -22.10
N GLU A 380 -5.72 -28.72 -21.00
CA GLU A 380 -5.90 -27.87 -19.83
C GLU A 380 -4.80 -28.20 -18.81
N LEU A 381 -3.85 -27.28 -18.66
CA LEU A 381 -2.78 -27.43 -17.68
C LEU A 381 -3.07 -26.54 -16.49
N GLU A 382 -2.35 -26.78 -15.41
CA GLU A 382 -2.58 -26.04 -14.18
C GLU A 382 -2.04 -24.62 -14.28
N ASP A 383 -2.65 -23.73 -13.51
CA ASP A 383 -2.26 -22.33 -13.44
C ASP A 383 -1.09 -22.21 -12.46
N GLN A 384 0.14 -22.44 -12.92
CA GLN A 384 1.24 -22.53 -11.95
C GLN A 384 2.50 -21.75 -12.36
N GLU A 385 2.97 -20.91 -11.45
CA GLU A 385 4.28 -20.26 -11.58
C GLU A 385 5.41 -21.27 -11.42
N PHE A 386 6.52 -21.01 -12.12
CA PHE A 386 7.69 -21.83 -11.90
C PHE A 386 8.90 -21.20 -12.58
N PHE A 387 10.09 -21.56 -12.10
CA PHE A 387 11.36 -21.13 -12.68
C PHE A 387 11.99 -22.30 -13.39
N GLY A 388 12.41 -22.10 -14.63
CA GLY A 388 12.94 -23.16 -15.47
C GLY A 388 12.65 -22.92 -16.95
N PRO A 389 13.47 -23.51 -17.84
CA PRO A 389 13.40 -23.21 -19.27
C PRO A 389 12.41 -24.11 -20.01
N LEU A 390 11.14 -24.04 -19.62
CA LEU A 390 10.07 -24.87 -20.15
C LEU A 390 8.92 -23.97 -20.60
N LEU A 391 8.76 -23.80 -21.91
CA LEU A 391 7.76 -22.91 -22.47
C LEU A 391 6.62 -23.69 -23.09
N THR A 392 5.39 -23.32 -22.75
CA THR A 392 4.20 -23.92 -23.31
C THR A 392 3.59 -22.97 -24.33
N VAL A 393 3.16 -23.54 -25.46
CA VAL A 393 2.62 -22.81 -26.61
C VAL A 393 1.15 -23.11 -26.74
N TYR A 394 0.37 -22.07 -27.02
CA TYR A 394 -1.05 -22.23 -27.30
C TYR A 394 -1.30 -21.57 -28.65
N ARG A 395 -2.01 -22.27 -29.53
CA ARG A 395 -2.42 -21.72 -30.81
C ARG A 395 -3.83 -21.17 -30.67
N TYR A 396 -4.13 -20.11 -31.44
CA TYR A 396 -5.37 -19.37 -31.26
C TYR A 396 -5.87 -18.88 -32.61
N LYS A 397 -7.12 -18.38 -32.62
CA LYS A 397 -7.79 -17.94 -33.83
C LYS A 397 -7.94 -16.42 -33.92
N GLY A 398 -8.97 -15.87 -33.29
CA GLY A 398 -9.12 -14.42 -33.24
C GLY A 398 -8.24 -13.78 -32.17
N PHE A 399 -7.82 -12.53 -32.42
CA PHE A 399 -7.01 -11.86 -31.41
C PHE A 399 -7.76 -11.71 -30.09
N ASP A 400 -9.09 -11.63 -30.13
CA ASP A 400 -9.86 -11.69 -28.90
C ASP A 400 -9.63 -13.01 -28.17
N GLU A 401 -9.36 -14.08 -28.92
CA GLU A 401 -9.07 -15.37 -28.31
C GLU A 401 -7.68 -15.35 -27.65
N ALA A 402 -6.72 -14.63 -28.23
CA ALA A 402 -5.46 -14.39 -27.55
C ALA A 402 -5.69 -13.67 -26.23
N LEU A 403 -6.43 -12.57 -26.26
CA LEU A 403 -6.70 -11.83 -25.03
C LEU A 403 -7.28 -12.73 -23.95
N GLU A 404 -8.30 -13.54 -24.29
CA GLU A 404 -8.90 -14.41 -23.29
C GLU A 404 -7.90 -15.42 -22.73
N LEU A 405 -6.96 -15.88 -23.57
CA LEU A 405 -5.97 -16.83 -23.09
C LEU A 405 -4.94 -16.14 -22.17
N ALA A 406 -4.45 -14.97 -22.59
CA ALA A 406 -3.50 -14.21 -21.79
C ALA A 406 -4.03 -13.94 -20.38
N ASN A 407 -5.28 -13.54 -20.27
CA ASN A 407 -5.88 -13.26 -18.96
C ASN A 407 -6.37 -14.52 -18.28
N ASN A 408 -6.15 -15.69 -18.85
CA ASN A 408 -6.61 -16.95 -18.25
C ASN A 408 -5.61 -17.42 -17.20
N THR A 409 -5.58 -16.70 -16.09
CA THR A 409 -4.62 -16.97 -15.02
C THR A 409 -4.93 -16.08 -13.83
N ARG A 410 -4.69 -16.61 -12.64
CA ARG A 410 -4.87 -15.79 -11.44
C ARG A 410 -3.64 -14.95 -11.11
N TYR A 411 -2.53 -15.13 -11.83
CA TYR A 411 -1.36 -14.27 -11.71
C TYR A 411 -1.56 -13.00 -12.53
N GLY A 412 -0.56 -12.12 -12.51
CA GLY A 412 -0.64 -10.85 -13.20
C GLY A 412 0.64 -10.04 -13.20
N LEU A 413 1.78 -10.67 -13.47
CA LEU A 413 3.06 -9.96 -13.41
C LEU A 413 3.36 -9.36 -14.78
N SER A 414 3.73 -10.20 -15.73
CA SER A 414 4.09 -9.66 -17.04
C SER A 414 3.21 -10.23 -18.16
N ALA A 415 3.17 -9.47 -19.26
CA ALA A 415 2.48 -9.82 -20.49
C ALA A 415 3.11 -8.99 -21.59
N GLY A 416 3.03 -9.49 -22.82
CA GLY A 416 3.65 -8.74 -23.89
C GLY A 416 3.22 -9.24 -25.23
N ILE A 417 3.59 -8.48 -26.25
CA ILE A 417 3.23 -8.83 -27.61
C ILE A 417 4.37 -8.41 -28.53
N LEU A 418 4.74 -9.30 -29.45
CA LEU A 418 5.58 -8.97 -30.57
C LEU A 418 4.66 -8.74 -31.76
N SER A 419 4.76 -7.57 -32.38
CA SER A 419 3.89 -7.34 -33.51
C SER A 419 4.26 -6.03 -34.18
N ASP A 420 3.97 -5.97 -35.49
CA ASP A 420 4.10 -4.73 -36.24
C ASP A 420 2.94 -3.79 -35.99
N ASP A 421 1.84 -4.31 -35.50
CA ASP A 421 0.56 -3.62 -35.47
C ASP A 421 0.33 -3.00 -34.10
N ARG A 422 0.68 -1.71 -33.97
CA ARG A 422 0.52 -1.01 -32.70
C ARG A 422 -0.87 -1.21 -32.09
N LYS A 423 -1.90 -1.39 -32.92
CA LYS A 423 -3.23 -1.46 -32.35
C LYS A 423 -3.46 -2.80 -31.66
N LEU A 424 -2.70 -3.82 -32.04
CA LEU A 424 -2.73 -5.04 -31.26
C LEU A 424 -2.13 -4.80 -29.87
N TYR A 425 -1.08 -3.98 -29.79
CA TYR A 425 -0.54 -3.65 -28.48
C TYR A 425 -1.54 -2.81 -27.69
N ASN A 426 -2.23 -1.87 -28.37
CA ASN A 426 -3.18 -1.04 -27.63
C ASN A 426 -4.32 -1.86 -27.05
N ARG A 427 -4.80 -2.86 -27.77
CA ARG A 427 -5.85 -3.69 -27.21
C ARG A 427 -5.34 -4.49 -26.03
N LEU A 428 -4.15 -5.06 -26.13
CA LEU A 428 -3.55 -5.72 -24.97
C LEU A 428 -3.50 -4.79 -23.77
N VAL A 429 -2.98 -3.57 -23.95
CA VAL A 429 -2.83 -2.67 -22.81
C VAL A 429 -4.17 -2.36 -22.17
N GLU A 430 -5.23 -2.21 -23.00
CA GLU A 430 -6.56 -1.88 -22.50
C GLU A 430 -7.17 -3.02 -21.71
N GLU A 431 -6.78 -4.25 -21.99
CA GLU A 431 -7.47 -5.41 -21.44
C GLU A 431 -6.67 -6.25 -20.46
N VAL A 432 -5.35 -6.36 -20.62
CA VAL A 432 -4.56 -7.31 -19.84
C VAL A 432 -4.43 -6.83 -18.40
N ARG A 433 -4.49 -7.77 -17.45
CA ARG A 433 -4.38 -7.43 -16.04
C ARG A 433 -2.96 -7.84 -15.58
N ALA A 434 -1.99 -6.98 -15.89
CA ALA A 434 -0.60 -7.29 -15.63
C ALA A 434 0.20 -6.01 -15.35
N GLY A 435 1.23 -6.17 -14.53
CA GLY A 435 2.04 -5.08 -14.03
C GLY A 435 3.03 -4.53 -15.03
N ILE A 436 3.68 -5.40 -15.81
CA ILE A 436 4.53 -4.92 -16.88
C ILE A 436 4.05 -5.52 -18.19
N VAL A 437 3.98 -4.68 -19.23
CA VAL A 437 3.39 -5.06 -20.51
C VAL A 437 4.25 -4.45 -21.61
N ASN A 438 4.96 -5.29 -22.35
CA ASN A 438 5.94 -4.82 -23.33
C ASN A 438 5.46 -5.06 -24.76
N TRP A 439 5.91 -4.18 -25.65
CA TRP A 439 5.62 -4.26 -27.07
C TRP A 439 6.94 -4.33 -27.82
N ASN A 440 7.22 -5.48 -28.41
CA ASN A 440 8.41 -5.66 -29.25
C ASN A 440 9.70 -5.54 -28.47
N ARG A 441 9.65 -5.78 -27.16
CA ARG A 441 10.81 -5.96 -26.33
C ARG A 441 10.62 -7.25 -25.56
N PRO A 442 11.69 -7.94 -25.18
CA PRO A 442 11.51 -9.19 -24.43
C PRO A 442 10.72 -8.93 -23.15
N LEU A 443 9.95 -9.94 -22.73
CA LEU A 443 9.27 -9.82 -21.44
C LEU A 443 10.23 -9.60 -20.29
N THR A 444 11.44 -10.13 -20.37
CA THR A 444 12.42 -9.98 -19.31
C THR A 444 12.95 -8.56 -19.19
N GLY A 445 12.49 -7.64 -20.03
CA GLY A 445 12.90 -6.25 -19.98
C GLY A 445 12.04 -5.41 -19.05
N ALA A 446 12.71 -4.80 -18.05
CA ALA A 446 12.05 -3.93 -17.09
C ALA A 446 12.94 -2.73 -16.84
N SER A 447 12.33 -1.67 -16.33
CA SER A 447 13.04 -0.43 -16.03
C SER A 447 12.94 -0.12 -14.54
N SER A 448 14.08 -0.09 -13.86
CA SER A 448 14.10 0.35 -12.48
C SER A 448 13.60 1.78 -12.33
N ALA A 449 13.54 2.55 -13.42
CA ALA A 449 12.98 3.88 -13.32
C ALA A 449 11.46 3.89 -13.34
N ALA A 450 10.82 2.73 -13.35
CA ALA A 450 9.37 2.62 -13.26
C ALA A 450 9.00 1.63 -12.18
N PRO A 451 7.78 1.71 -11.68
CA PRO A 451 7.28 0.71 -10.73
C PRO A 451 7.40 -0.68 -11.32
N PHE A 452 7.60 -1.66 -10.42
CA PHE A 452 7.80 -3.05 -10.79
C PHE A 452 7.00 -3.91 -9.81
N GLY A 453 5.77 -4.25 -10.20
CA GLY A 453 4.88 -5.08 -9.41
C GLY A 453 3.74 -5.69 -10.22
N GLY A 454 3.45 -6.94 -9.93
CA GLY A 454 2.34 -7.62 -10.51
C GLY A 454 1.09 -7.45 -9.70
N VAL A 455 -0.04 -7.71 -10.35
CA VAL A 455 -1.32 -7.73 -9.67
C VAL A 455 -1.83 -9.17 -9.61
N GLY A 456 -3.10 -9.36 -9.27
CA GLY A 456 -3.55 -10.71 -9.01
C GLY A 456 -2.69 -11.36 -7.94
N ALA A 457 -2.40 -12.65 -8.13
CA ALA A 457 -1.62 -13.42 -7.17
C ALA A 457 -0.11 -13.10 -7.21
N SER A 458 0.30 -12.09 -7.96
CA SER A 458 1.71 -11.72 -8.12
C SER A 458 2.16 -10.57 -7.20
N GLY A 459 1.29 -10.02 -6.35
CA GLY A 459 1.66 -8.89 -5.52
C GLY A 459 0.60 -8.65 -4.47
N ASN A 460 0.81 -7.59 -3.67
CA ASN A 460 -0.20 -7.06 -2.78
C ASN A 460 -0.25 -5.56 -2.91
N HIS A 461 -0.03 -5.04 -4.11
CA HIS A 461 -0.23 -3.62 -4.40
C HIS A 461 0.82 -2.78 -3.67
N ARG A 462 2.01 -3.33 -3.59
CA ARG A 462 3.19 -2.63 -3.11
C ARG A 462 4.30 -2.89 -4.11
N PRO A 463 4.12 -2.44 -5.33
CA PRO A 463 5.16 -2.62 -6.35
C PRO A 463 6.46 -1.99 -5.89
N SER A 464 7.56 -2.61 -6.34
CA SER A 464 8.90 -2.21 -5.98
C SER A 464 9.50 -1.41 -7.13
N ALA A 465 10.82 -1.52 -7.31
CA ALA A 465 11.61 -0.65 -8.19
C ALA A 465 11.21 0.80 -7.87
N TYR A 466 10.83 1.61 -8.86
CA TYR A 466 10.69 3.04 -8.60
C TYR A 466 9.76 3.32 -7.42
N TYR A 467 8.71 2.52 -7.25
CA TYR A 467 7.73 2.75 -6.18
C TYR A 467 8.10 2.08 -4.84
N ALA A 468 9.26 1.42 -4.74
CA ALA A 468 9.68 0.85 -3.45
C ALA A 468 9.68 1.89 -2.35
N ALA A 469 10.04 3.13 -2.69
CA ALA A 469 9.98 4.22 -1.71
C ALA A 469 8.64 4.23 -0.98
N ASP A 470 7.56 3.90 -1.69
CA ASP A 470 6.21 4.06 -1.13
C ASP A 470 6.02 3.21 0.11
N TYR A 471 6.60 2.01 0.13
CA TYR A 471 6.49 1.16 1.31
C TYR A 471 7.70 1.28 2.24
N CYS A 472 8.70 2.09 1.87
CA CYS A 472 9.85 2.26 2.73
C CYS A 472 9.73 3.43 3.71
N ALA A 473 8.83 4.38 3.47
CA ALA A 473 8.63 5.54 4.33
C ALA A 473 7.14 5.89 4.32
N TRP A 474 6.59 6.34 5.49
CA TRP A 474 5.19 6.76 5.65
C TRP A 474 5.08 8.28 5.80
N PRO A 475 3.95 8.87 5.38
CA PRO A 475 3.82 10.32 5.37
C PRO A 475 3.36 10.93 6.68
N MET A 476 3.88 12.11 6.96
CA MET A 476 3.52 12.87 8.15
C MET A 476 3.26 14.28 7.64
N ALA A 477 1.99 14.70 7.70
CA ALA A 477 1.55 15.97 7.12
C ALA A 477 1.24 16.90 8.26
N SER A 478 1.65 18.16 8.10
CA SER A 478 1.59 19.18 9.13
C SER A 478 0.98 20.45 8.60
N LEU A 479 0.12 21.07 9.41
CA LEU A 479 -0.29 22.46 9.24
C LEU A 479 0.34 23.31 10.33
N GLU A 480 1.14 24.29 9.94
CA GLU A 480 1.90 25.12 10.86
C GLU A 480 1.39 26.55 10.87
N ALA A 481 1.42 27.17 12.04
CA ALA A 481 1.08 28.59 12.14
C ALA A 481 2.25 29.41 12.67
N GLY A 482 2.81 29.08 13.83
CA GLY A 482 3.87 29.89 14.42
C GLY A 482 3.44 30.57 15.70
N LYS A 483 2.15 30.86 15.83
CA LYS A 483 1.62 31.29 17.11
C LYS A 483 0.13 31.01 17.14
N SER A 484 -0.31 30.28 18.16
CA SER A 484 -1.72 30.04 18.38
C SER A 484 -2.40 31.36 18.74
N GLU A 485 -3.34 31.79 17.90
CA GLU A 485 -4.04 33.04 18.16
C GLU A 485 -5.39 33.01 17.46
N LEU A 486 -6.40 33.58 18.11
CA LEU A 486 -7.76 33.57 17.63
C LEU A 486 -7.86 34.03 16.18
N PRO A 487 -8.81 33.49 15.42
CA PRO A 487 -9.02 33.93 14.04
C PRO A 487 -9.84 35.20 13.97
N ASP A 488 -9.85 35.79 12.77
CA ASP A 488 -10.63 37.01 12.55
C ASP A 488 -12.13 36.74 12.68
N SER A 489 -12.62 35.65 12.10
CA SER A 489 -14.02 35.23 12.23
C SER A 489 -14.06 34.03 13.16
N LEU A 490 -14.73 34.19 14.30
CA LEU A 490 -14.84 33.12 15.28
C LEU A 490 -15.98 32.18 14.95
N ALA A 491 -15.97 31.07 15.58
CA ALA A 491 -17.10 30.15 15.52
C ALA A 491 -18.08 30.47 16.64
N PRO A 492 -19.36 30.16 16.45
CA PRO A 492 -20.36 30.49 17.47
C PRO A 492 -20.24 29.58 18.69
N GLY A 493 -20.41 30.18 19.87
CA GLY A 493 -20.44 29.43 21.10
C GLY A 493 -19.15 29.37 21.90
N LEU A 494 -18.19 30.23 21.59
CA LEU A 494 -16.91 30.27 22.31
C LEU A 494 -16.77 31.64 22.95
N ASN A 495 -17.17 31.75 24.21
CA ASN A 495 -17.30 33.05 24.86
C ASN A 495 -16.02 33.41 25.61
N PHE A 496 -15.48 34.60 25.33
CA PHE A 496 -14.22 35.07 25.93
C PHE A 496 -14.43 36.30 26.82
N LEU B 10 -35.45 10.76 -1.10
CA LEU B 10 -35.98 10.49 0.23
C LEU B 10 -37.00 9.35 0.21
N THR B 11 -36.61 8.18 -0.30
CA THR B 11 -37.50 7.03 -0.45
C THR B 11 -37.12 5.81 0.39
N GLY B 12 -35.87 5.66 0.81
CA GLY B 12 -35.47 4.46 1.55
C GLY B 12 -35.06 3.30 0.68
N ASN B 13 -34.85 3.53 -0.61
CA ASN B 13 -34.59 2.48 -1.57
C ASN B 13 -33.10 2.21 -1.76
N VAL B 14 -32.78 0.94 -1.95
CA VAL B 14 -31.50 0.55 -2.52
C VAL B 14 -31.38 1.11 -3.95
N TYR B 15 -30.14 1.33 -4.39
CA TYR B 15 -29.92 1.81 -5.75
C TYR B 15 -28.96 0.87 -6.46
N ILE B 16 -29.44 0.19 -7.50
CA ILE B 16 -28.64 -0.81 -8.18
C ILE B 16 -28.81 -0.66 -9.68
N ASP B 17 -27.69 -0.59 -10.39
CA ASP B 17 -27.67 -0.55 -11.84
C ASP B 17 -28.67 0.46 -12.38
N GLY B 18 -28.74 1.63 -11.71
CA GLY B 18 -29.52 2.75 -12.20
C GLY B 18 -30.96 2.82 -11.73
N LEU B 19 -31.38 1.89 -10.90
CA LEU B 19 -32.79 1.69 -10.53
C LEU B 19 -32.93 1.75 -9.02
N TRP B 20 -33.83 2.59 -8.55
CA TRP B 20 -34.24 2.61 -7.15
C TRP B 20 -35.25 1.50 -6.90
N LEU B 21 -34.93 0.59 -5.99
CA LEU B 21 -35.76 -0.55 -5.64
C LEU B 21 -35.74 -0.75 -4.13
N PRO B 22 -36.84 -1.23 -3.55
CA PRO B 22 -36.81 -1.57 -2.11
C PRO B 22 -35.82 -2.70 -1.86
N GLY B 23 -35.12 -2.61 -0.74
CA GLY B 23 -34.25 -3.70 -0.35
C GLY B 23 -35.06 -4.91 0.08
N HIS B 24 -34.47 -6.09 -0.07
CA HIS B 24 -35.14 -7.30 0.33
C HIS B 24 -34.92 -7.63 1.81
N GLY B 25 -34.02 -6.92 2.49
CA GLY B 25 -33.74 -7.18 3.89
C GLY B 25 -34.71 -6.49 4.82
N ALA B 26 -34.41 -6.59 6.11
CA ALA B 26 -35.32 -6.11 7.15
C ALA B 26 -35.37 -4.59 7.18
N PRO B 27 -36.52 -4.02 7.59
CA PRO B 27 -36.62 -2.56 7.67
C PRO B 27 -35.86 -2.02 8.88
N PHE B 28 -35.26 -0.86 8.71
CA PHE B 28 -34.68 -0.13 9.83
C PHE B 28 -34.96 1.35 9.64
N GLU B 29 -34.61 2.14 10.65
CA GLU B 29 -34.86 3.56 10.60
C GLU B 29 -33.65 4.33 11.15
N SER B 30 -33.57 5.58 10.72
CA SER B 30 -32.62 6.57 11.21
C SER B 30 -33.39 7.62 12.00
N VAL B 31 -32.95 7.87 13.23
CA VAL B 31 -33.69 8.74 14.14
C VAL B 31 -32.82 9.94 14.48
N GLN B 32 -33.49 11.06 14.72
CA GLN B 32 -32.79 12.30 15.01
C GLN B 32 -32.22 12.26 16.43
N PRO B 33 -30.89 12.43 16.62
CA PRO B 33 -30.30 12.12 17.93
C PRO B 33 -30.83 12.92 19.11
N VAL B 34 -31.45 14.08 18.89
CA VAL B 34 -32.08 14.83 19.98
C VAL B 34 -33.60 14.61 20.02
N THR B 35 -34.31 14.80 18.91
CA THR B 35 -35.77 14.64 18.98
C THR B 35 -36.19 13.18 19.02
N GLY B 36 -35.35 12.25 18.58
CA GLY B 36 -35.72 10.85 18.59
C GLY B 36 -36.72 10.41 17.53
N GLU B 37 -37.19 11.33 16.69
CA GLU B 37 -38.15 11.02 15.65
C GLU B 37 -37.46 10.48 14.40
N THR B 38 -38.23 9.72 13.61
CA THR B 38 -37.70 9.07 12.41
C THR B 38 -37.43 10.03 11.27
N VAL B 39 -36.18 10.01 10.81
CA VAL B 39 -35.71 10.85 9.70
C VAL B 39 -35.56 10.06 8.42
N TRP B 40 -35.58 8.73 8.49
CA TRP B 40 -35.36 7.87 7.34
C TRP B 40 -35.73 6.44 7.70
N ASP B 41 -36.48 5.78 6.83
CA ASP B 41 -36.77 4.37 7.03
C ASP B 41 -36.67 3.67 5.68
N GLY B 42 -36.36 2.39 5.72
CA GLY B 42 -36.11 1.63 4.51
C GLY B 42 -35.77 0.22 4.89
N ASN B 43 -35.47 -0.57 3.87
CA ASN B 43 -35.11 -1.96 4.04
C ASN B 43 -33.61 -2.11 3.84
N ALA B 44 -32.97 -2.88 4.72
CA ALA B 44 -31.57 -3.22 4.49
C ALA B 44 -31.44 -4.05 3.21
N ALA B 45 -30.34 -3.85 2.50
CA ALA B 45 -30.05 -4.74 1.39
C ALA B 45 -29.76 -6.14 1.95
N SER B 46 -30.29 -7.15 1.26
CA SER B 46 -30.10 -8.52 1.68
C SER B 46 -28.90 -9.12 0.97
N LEU B 47 -28.58 -10.37 1.31
CA LEU B 47 -27.48 -11.05 0.64
C LEU B 47 -27.59 -10.91 -0.88
N GLU B 48 -28.76 -11.23 -1.47
CA GLU B 48 -28.82 -11.21 -2.93
C GLU B 48 -28.88 -9.80 -3.51
N ASP B 49 -29.40 -8.81 -2.77
CA ASP B 49 -29.25 -7.43 -3.22
C ASP B 49 -27.77 -7.06 -3.33
N VAL B 50 -27.00 -7.37 -2.27
CA VAL B 50 -25.57 -7.07 -2.28
C VAL B 50 -24.91 -7.77 -3.46
N ASP B 51 -25.22 -9.05 -3.66
CA ASP B 51 -24.65 -9.79 -4.79
C ASP B 51 -25.02 -9.12 -6.11
N ALA B 52 -26.24 -8.58 -6.19
CA ALA B 52 -26.67 -7.91 -7.40
C ALA B 52 -25.91 -6.61 -7.61
N ALA B 53 -25.70 -5.83 -6.54
CA ALA B 53 -24.91 -4.61 -6.69
C ALA B 53 -23.49 -4.92 -7.15
N VAL B 54 -22.88 -5.97 -6.62
CA VAL B 54 -21.50 -6.26 -7.00
C VAL B 54 -21.46 -6.77 -8.43
N ARG B 55 -22.35 -7.71 -8.75
CA ARG B 55 -22.40 -8.28 -10.11
C ARG B 55 -22.67 -7.20 -11.16
N GLU B 56 -23.51 -6.22 -10.85
CA GLU B 56 -23.81 -5.15 -11.79
C GLU B 56 -22.67 -4.14 -11.86
N ALA B 57 -22.11 -3.76 -10.70
CA ALA B 57 -20.91 -2.95 -10.67
C ALA B 57 -19.79 -3.57 -11.51
N ARG B 58 -19.59 -4.88 -11.37
CA ARG B 58 -18.62 -5.57 -12.19
C ARG B 58 -18.91 -5.38 -13.68
N LYS B 59 -20.18 -5.58 -14.09
CA LYS B 59 -20.55 -5.38 -15.50
C LYS B 59 -20.29 -3.96 -15.94
N ALA B 60 -20.73 -2.97 -15.15
CA ALA B 60 -20.51 -1.58 -15.54
C ALA B 60 -19.02 -1.26 -15.64
N PHE B 61 -18.19 -1.94 -14.84
CA PHE B 61 -16.77 -1.64 -14.85
C PHE B 61 -16.17 -1.78 -16.23
N LEU B 62 -16.54 -2.81 -16.99
CA LEU B 62 -15.95 -3.04 -18.32
C LEU B 62 -16.07 -1.82 -19.21
N ALA B 63 -17.19 -1.10 -19.14
CA ALA B 63 -17.36 0.09 -19.98
C ALA B 63 -16.88 1.36 -19.29
N TRP B 64 -17.07 1.47 -17.97
CA TRP B 64 -16.70 2.70 -17.26
C TRP B 64 -15.18 2.93 -17.26
N ARG B 65 -14.40 1.86 -17.14
CA ARG B 65 -12.95 1.96 -17.27
C ARG B 65 -12.54 2.40 -18.68
N ARG B 66 -13.39 2.18 -19.67
CA ARG B 66 -13.03 2.52 -21.05
C ARG B 66 -13.23 3.99 -21.35
N LYS B 67 -14.04 4.69 -20.55
CA LYS B 67 -14.16 6.12 -20.74
C LYS B 67 -12.79 6.75 -20.56
N SER B 68 -12.58 7.86 -21.26
CA SER B 68 -11.37 8.60 -21.05
C SER B 68 -11.36 9.17 -19.63
N LEU B 69 -10.17 9.58 -19.18
CA LEU B 69 -10.11 10.29 -17.92
C LEU B 69 -10.97 11.56 -17.99
N ALA B 70 -10.94 12.27 -19.12
CA ALA B 70 -11.73 13.49 -19.29
C ALA B 70 -13.23 13.22 -19.26
N GLU B 71 -13.69 12.06 -19.71
CA GLU B 71 -15.13 11.78 -19.61
C GLU B 71 -15.54 11.53 -18.18
N ARG B 72 -14.76 10.70 -17.47
CA ARG B 72 -15.11 10.41 -16.08
C ARG B 72 -15.03 11.66 -15.22
N GLN B 73 -13.99 12.48 -15.42
CA GLN B 73 -13.88 13.74 -14.70
C GLN B 73 -15.05 14.68 -14.98
N ALA B 74 -15.51 14.72 -16.25
CA ALA B 74 -16.62 15.61 -16.59
C ALA B 74 -17.85 15.26 -15.76
N VAL B 75 -18.15 13.98 -15.61
CA VAL B 75 -19.26 13.61 -14.74
C VAL B 75 -18.97 14.02 -13.30
N ILE B 76 -17.74 13.82 -12.82
CA ILE B 76 -17.46 14.12 -11.42
C ILE B 76 -17.62 15.61 -11.14
N GLU B 77 -17.13 16.49 -12.02
CA GLU B 77 -17.35 17.90 -11.73
C GLU B 77 -18.82 18.29 -11.88
N ALA B 78 -19.57 17.66 -12.78
CA ALA B 78 -21.01 17.91 -12.84
C ALA B 78 -21.69 17.55 -11.51
N PHE B 79 -21.22 16.47 -10.89
CA PHE B 79 -21.59 16.14 -9.52
C PHE B 79 -21.20 17.27 -8.57
N GLY B 80 -20.02 17.85 -8.77
CA GLY B 80 -19.61 18.95 -7.92
C GLY B 80 -20.53 20.15 -8.08
N GLU B 81 -20.84 20.51 -9.32
CA GLU B 81 -21.81 21.57 -9.56
C GLU B 81 -23.15 21.25 -8.88
N LEU B 82 -23.54 19.98 -8.83
CA LEU B 82 -24.81 19.65 -8.19
C LEU B 82 -24.70 19.78 -6.68
N LEU B 83 -23.55 19.40 -6.10
CA LEU B 83 -23.29 19.70 -4.69
C LEU B 83 -23.47 21.19 -4.41
N GLU B 84 -22.84 22.03 -5.21
CA GLU B 84 -23.01 23.48 -5.06
C GLU B 84 -24.49 23.86 -5.12
N ALA B 85 -25.20 23.44 -6.17
CA ALA B 85 -26.60 23.83 -6.36
C ALA B 85 -27.47 23.38 -5.19
N ASN B 86 -27.06 22.33 -4.46
CA ASN B 86 -27.87 21.76 -3.41
C ASN B 86 -27.17 21.81 -2.07
N LYS B 87 -26.14 22.66 -1.95
CA LYS B 87 -25.34 22.74 -0.73
C LYS B 87 -26.19 22.74 0.53
N GLU B 88 -27.17 23.65 0.59
CA GLU B 88 -27.93 23.83 1.83
C GLU B 88 -28.79 22.62 2.14
N GLU B 89 -29.38 21.99 1.11
CA GLU B 89 -30.26 20.86 1.35
C GLU B 89 -29.49 19.64 1.85
N LEU B 90 -28.30 19.40 1.31
CA LEU B 90 -27.46 18.32 1.82
C LEU B 90 -26.93 18.65 3.21
N ALA B 91 -26.54 19.92 3.44
CA ALA B 91 -26.15 20.33 4.78
C ALA B 91 -27.29 20.11 5.75
N HIS B 92 -28.53 20.36 5.31
CA HIS B 92 -29.66 20.19 6.21
C HIS B 92 -29.87 18.71 6.54
N GLN B 93 -29.60 17.81 5.59
CA GLN B 93 -29.76 16.39 5.86
C GLN B 93 -28.68 15.87 6.81
N ILE B 94 -27.44 16.31 6.62
CA ILE B 94 -26.36 15.98 7.54
C ILE B 94 -26.73 16.41 8.95
N GLY B 95 -27.17 17.67 9.09
CA GLY B 95 -27.52 18.18 10.41
C GLY B 95 -28.64 17.38 11.05
N LEU B 96 -29.66 17.03 10.27
CA LEU B 96 -30.78 16.26 10.80
C LEU B 96 -30.31 14.92 11.35
N GLU B 97 -29.49 14.22 10.60
CA GLU B 97 -29.30 12.81 10.87
C GLU B 97 -28.15 12.51 11.82
N THR B 98 -27.20 13.43 11.96
CA THR B 98 -26.10 13.27 12.90
C THR B 98 -26.24 14.13 14.15
N GLY B 99 -26.88 15.30 14.06
CA GLY B 99 -26.86 16.27 15.13
C GLY B 99 -25.89 17.41 14.92
N LYS B 100 -25.02 17.32 13.93
CA LYS B 100 -24.06 18.39 13.66
C LYS B 100 -24.80 19.68 13.33
N PRO B 101 -24.43 20.81 13.92
CA PRO B 101 -25.10 22.08 13.61
C PRO B 101 -25.01 22.43 12.12
N LEU B 102 -26.03 23.15 11.63
CA LEU B 102 -26.00 23.61 10.24
C LEU B 102 -24.71 24.33 9.89
N TRP B 103 -24.25 25.26 10.74
CA TRP B 103 -23.06 26.03 10.39
C TRP B 103 -21.90 25.11 10.04
N GLU B 104 -21.83 23.96 10.71
CA GLU B 104 -20.75 23.01 10.48
C GLU B 104 -21.09 21.96 9.45
N SER B 105 -22.36 21.59 9.32
CA SER B 105 -22.74 20.69 8.23
C SER B 105 -22.40 21.28 6.87
N ARG B 106 -22.69 22.58 6.68
CA ARG B 106 -22.30 23.27 5.45
C ARG B 106 -20.82 23.13 5.17
N THR B 107 -20.02 23.07 6.24
CA THR B 107 -18.58 22.88 6.10
C THR B 107 -18.26 21.55 5.47
N GLU B 108 -18.99 20.50 5.86
CA GLU B 108 -18.73 19.21 5.24
C GLU B 108 -19.02 19.25 3.74
N VAL B 109 -20.08 19.93 3.35
CA VAL B 109 -20.44 19.96 1.92
C VAL B 109 -19.40 20.73 1.12
N ALA B 110 -18.90 21.84 1.68
CA ALA B 110 -17.83 22.58 1.01
C ALA B 110 -16.59 21.71 0.82
N ALA B 111 -16.32 20.82 1.77
CA ALA B 111 -15.18 19.93 1.64
C ALA B 111 -15.45 18.86 0.59
N MET B 112 -16.66 18.28 0.57
CA MET B 112 -17.01 17.37 -0.53
C MET B 112 -16.73 17.99 -1.90
N MET B 113 -17.02 19.28 -2.05
CA MET B 113 -16.76 19.95 -3.31
C MET B 113 -15.26 20.13 -3.53
N GLY B 114 -14.55 20.59 -2.50
CA GLY B 114 -13.09 20.72 -2.57
C GLY B 114 -12.38 19.41 -2.86
N LYS B 115 -12.99 18.28 -2.53
CA LYS B 115 -12.36 17.00 -2.77
C LYS B 115 -12.11 16.75 -4.25
N ILE B 116 -12.82 17.45 -5.12
CA ILE B 116 -12.89 17.08 -6.53
C ILE B 116 -11.67 17.60 -7.27
N PRO B 117 -11.45 18.91 -7.33
CA PRO B 117 -10.25 19.39 -8.03
C PRO B 117 -8.96 18.82 -7.46
N ILE B 118 -8.87 18.63 -6.13
CA ILE B 118 -7.63 18.12 -5.56
C ILE B 118 -7.43 16.65 -5.91
N SER B 119 -8.51 15.85 -5.98
CA SER B 119 -8.38 14.46 -6.43
C SER B 119 -7.91 14.40 -7.88
N VAL B 120 -8.36 15.36 -8.69
CA VAL B 120 -7.93 15.36 -10.07
C VAL B 120 -6.44 15.61 -10.12
N LYS B 121 -5.97 16.58 -9.32
CA LYS B 121 -4.54 16.85 -9.24
C LYS B 121 -3.78 15.63 -8.75
N ALA B 122 -4.25 15.03 -7.65
CA ALA B 122 -3.58 13.86 -7.10
C ALA B 122 -3.45 12.77 -8.16
N TYR B 123 -4.53 12.53 -8.93
CA TYR B 123 -4.51 11.44 -9.90
C TYR B 123 -3.41 11.62 -10.92
N ASN B 124 -3.26 12.84 -11.45
CA ASN B 124 -2.28 13.06 -12.49
C ASN B 124 -0.87 13.04 -11.93
N GLU B 125 -0.72 13.34 -10.64
CA GLU B 125 0.64 13.39 -10.13
C GLU B 125 1.11 12.05 -9.57
N ARG B 126 0.24 11.31 -8.88
CA ARG B 126 0.57 10.06 -8.20
C ARG B 126 0.25 8.80 -9.00
N THR B 127 -0.76 8.86 -9.89
CA THR B 127 -1.16 7.72 -10.68
C THR B 127 -1.49 8.15 -12.12
N GLY B 128 -0.67 9.00 -12.69
CA GLY B 128 -0.90 9.56 -13.99
C GLY B 128 -0.23 8.78 -15.08
N HIS B 129 0.07 9.47 -16.18
CA HIS B 129 0.59 8.93 -17.44
C HIS B 129 1.87 9.69 -17.75
N THR B 130 2.97 8.96 -17.94
CA THR B 130 4.28 9.56 -18.17
C THR B 130 5.04 8.69 -19.15
N GLU B 131 6.05 9.29 -19.77
CA GLU B 131 6.73 8.60 -20.86
C GLU B 131 8.19 9.05 -20.89
N SER B 132 9.10 8.13 -21.22
CA SER B 132 10.53 8.38 -21.22
C SER B 132 11.20 7.51 -22.27
N ASP B 133 12.37 7.98 -22.73
CA ASP B 133 13.32 7.15 -23.47
C ASP B 133 14.35 6.67 -22.46
N VAL B 134 14.46 5.36 -22.34
CA VAL B 134 15.22 4.72 -21.30
C VAL B 134 16.11 3.67 -21.95
N ALA B 135 16.93 3.02 -21.13
CA ALA B 135 17.94 2.09 -21.66
C ALA B 135 17.30 0.96 -22.46
N GLY B 136 16.27 0.33 -21.90
CA GLY B 136 15.66 -0.82 -22.55
C GLY B 136 14.66 -0.53 -23.66
N GLY B 137 14.47 0.73 -24.05
CA GLY B 137 13.56 1.15 -25.09
C GLY B 137 12.72 2.33 -24.66
N HIS B 138 11.61 2.53 -25.34
CA HIS B 138 10.69 3.61 -24.97
C HIS B 138 9.78 3.12 -23.85
N ALA B 139 9.72 3.89 -22.78
CA ALA B 139 9.11 3.50 -21.51
C ALA B 139 7.84 4.28 -21.28
N VAL B 140 6.76 3.57 -20.92
CA VAL B 140 5.45 4.19 -20.78
C VAL B 140 4.83 3.71 -19.48
N LEU B 141 4.33 4.66 -18.70
CA LEU B 141 3.67 4.35 -17.44
C LEU B 141 2.28 4.98 -17.42
N ARG B 142 1.28 4.16 -17.19
CA ARG B 142 -0.06 4.62 -16.87
C ARG B 142 -0.57 3.74 -15.72
N HIS B 143 -1.68 4.15 -15.12
CA HIS B 143 -2.27 3.43 -14.01
C HIS B 143 -3.69 2.98 -14.38
N ARG B 144 -4.13 1.89 -13.74
CA ARG B 144 -5.33 1.14 -14.03
C ARG B 144 -6.22 1.02 -12.79
N PRO B 145 -7.54 1.09 -12.98
CA PRO B 145 -8.45 0.89 -11.84
C PRO B 145 -8.48 -0.57 -11.39
N HIS B 146 -9.02 -0.81 -10.20
CA HIS B 146 -9.00 -2.19 -9.71
C HIS B 146 -10.19 -3.02 -10.18
N GLY B 147 -11.35 -2.39 -10.36
CA GLY B 147 -12.60 -3.08 -10.59
C GLY B 147 -13.67 -2.52 -9.67
N VAL B 148 -14.39 -3.40 -8.97
CA VAL B 148 -15.44 -3.00 -8.05
C VAL B 148 -14.82 -2.81 -6.67
N VAL B 149 -15.01 -1.64 -6.08
CA VAL B 149 -14.52 -1.36 -4.74
C VAL B 149 -15.72 -1.14 -3.83
N ALA B 150 -15.75 -1.86 -2.72
CA ALA B 150 -16.74 -1.60 -1.67
C ALA B 150 -16.26 -0.46 -0.78
N VAL B 151 -17.13 0.52 -0.60
CA VAL B 151 -16.87 1.70 0.21
C VAL B 151 -17.80 1.65 1.41
N PHE B 152 -17.23 1.65 2.62
CA PHE B 152 -17.98 1.69 3.87
C PHE B 152 -17.85 3.07 4.50
N GLY B 153 -18.98 3.73 4.71
CA GLY B 153 -18.99 5.06 5.25
C GLY B 153 -19.18 5.07 6.76
N PRO B 154 -18.61 6.09 7.42
CA PRO B 154 -18.80 6.25 8.86
C PRO B 154 -19.97 7.18 9.14
N TYR B 155 -20.31 7.40 10.40
CA TYR B 155 -21.44 8.28 10.68
C TYR B 155 -21.04 9.70 11.02
N ASN B 156 -19.77 9.96 11.35
CA ASN B 156 -19.40 11.29 11.82
C ASN B 156 -19.33 12.31 10.67
N PHE B 157 -18.76 11.92 9.53
CA PHE B 157 -18.76 12.74 8.32
C PHE B 157 -19.41 11.93 7.20
N PRO B 158 -20.75 11.86 7.16
CA PRO B 158 -21.42 10.93 6.25
C PRO B 158 -21.39 11.35 4.80
N GLY B 159 -20.94 12.58 4.50
CA GLY B 159 -20.73 12.98 3.13
C GLY B 159 -19.26 13.07 2.75
N HIS B 160 -18.47 13.78 3.57
CA HIS B 160 -17.10 14.09 3.18
C HIS B 160 -16.24 12.83 3.11
N LEU B 161 -16.34 11.97 4.15
CA LEU B 161 -15.46 10.81 4.24
C LEU B 161 -15.81 9.77 3.21
N PRO B 162 -17.05 9.28 3.09
CA PRO B 162 -17.37 8.41 1.95
C PRO B 162 -16.97 9.05 0.64
N ASN B 163 -17.24 10.35 0.47
CA ASN B 163 -16.85 11.04 -0.75
C ASN B 163 -15.34 10.97 -0.96
N GLY B 164 -14.57 10.94 0.13
CA GLY B 164 -13.11 10.92 0.03
C GLY B 164 -12.57 9.64 -0.55
N HIS B 165 -13.37 8.56 -0.51
CA HIS B 165 -13.04 7.34 -1.24
C HIS B 165 -13.65 7.34 -2.65
N ILE B 166 -14.90 7.78 -2.75
CA ILE B 166 -15.68 7.55 -3.96
C ILE B 166 -15.12 8.37 -5.11
N VAL B 167 -14.80 9.64 -4.87
CA VAL B 167 -14.29 10.48 -5.95
C VAL B 167 -12.99 9.94 -6.52
N PRO B 168 -11.94 9.69 -5.74
CA PRO B 168 -10.73 9.12 -6.34
C PRO B 168 -10.96 7.76 -6.97
N ALA B 169 -11.85 6.96 -6.40
CA ALA B 169 -12.06 5.62 -6.94
C ALA B 169 -12.74 5.71 -8.31
N LEU B 170 -13.82 6.50 -8.41
CA LEU B 170 -14.54 6.68 -9.68
C LEU B 170 -13.67 7.38 -10.71
N LEU B 171 -12.93 8.41 -10.27
CA LEU B 171 -12.08 9.12 -11.20
C LEU B 171 -11.10 8.16 -11.87
N ALA B 172 -10.66 7.12 -11.16
CA ALA B 172 -9.68 6.23 -11.75
C ALA B 172 -10.27 5.15 -12.62
N GLY B 173 -11.60 5.02 -12.67
CA GLY B 173 -12.19 3.97 -13.47
C GLY B 173 -12.71 2.79 -12.70
N ASN B 174 -12.80 2.88 -11.38
CA ASN B 174 -13.45 1.84 -10.60
C ASN B 174 -14.97 2.05 -10.59
N THR B 175 -15.68 1.00 -10.23
CA THR B 175 -17.06 1.19 -9.83
C THR B 175 -17.20 0.88 -8.35
N VAL B 176 -18.27 1.40 -7.76
CA VAL B 176 -18.39 1.51 -6.32
C VAL B 176 -19.68 0.84 -5.87
N VAL B 177 -19.59 0.04 -4.81
CA VAL B 177 -20.76 -0.40 -4.04
C VAL B 177 -20.66 0.31 -2.70
N PHE B 178 -21.55 1.27 -2.47
CA PHE B 178 -21.46 2.15 -1.33
C PHE B 178 -22.36 1.61 -0.22
N LYS B 179 -21.75 1.21 0.90
CA LYS B 179 -22.47 0.75 2.08
C LYS B 179 -22.33 1.75 3.22
N PRO B 180 -23.27 2.67 3.40
CA PRO B 180 -23.13 3.68 4.46
C PRO B 180 -23.48 3.12 5.82
N SER B 181 -23.09 3.86 6.87
CA SER B 181 -23.48 3.43 8.21
C SER B 181 -24.99 3.48 8.36
N GLU B 182 -25.53 2.48 9.05
CA GLU B 182 -26.94 2.43 9.37
C GLU B 182 -27.42 3.61 10.20
N LEU B 183 -26.51 4.48 10.67
CA LEU B 183 -26.90 5.70 11.35
C LEU B 183 -27.00 6.90 10.41
N THR B 184 -26.48 6.81 9.18
CA THR B 184 -26.64 7.97 8.29
C THR B 184 -27.14 7.58 6.88
N PRO B 185 -28.09 6.67 6.76
CA PRO B 185 -28.53 6.28 5.39
C PRO B 185 -29.10 7.43 4.59
N GLY B 186 -29.87 8.32 5.21
CA GLY B 186 -30.46 9.44 4.48
C GLY B 186 -29.45 10.29 3.75
N VAL B 187 -28.42 10.77 4.45
CA VAL B 187 -27.40 11.60 3.81
C VAL B 187 -26.81 10.89 2.60
N ALA B 188 -26.58 9.56 2.73
CA ALA B 188 -26.01 8.78 1.64
C ALA B 188 -26.95 8.68 0.44
N GLU B 189 -28.22 8.37 0.70
CA GLU B 189 -29.22 8.29 -0.35
C GLU B 189 -29.35 9.62 -1.11
N LEU B 190 -29.33 10.73 -0.37
CA LEU B 190 -29.33 12.04 -1.03
C LEU B 190 -28.06 12.24 -1.86
N THR B 191 -26.91 11.77 -1.35
CA THR B 191 -25.68 11.93 -2.12
C THR B 191 -25.73 11.12 -3.41
N VAL B 192 -26.14 9.86 -3.32
CA VAL B 192 -26.23 9.02 -4.52
C VAL B 192 -27.25 9.60 -5.52
N ARG B 193 -28.34 10.21 -5.02
CA ARG B 193 -29.26 10.86 -5.96
C ARG B 193 -28.56 11.95 -6.75
N LEU B 194 -27.63 12.67 -6.11
CA LEU B 194 -26.87 13.71 -6.80
C LEU B 194 -25.92 13.10 -7.82
N TRP B 195 -25.28 11.98 -7.48
CA TRP B 195 -24.46 11.31 -8.48
C TRP B 195 -25.29 10.95 -9.70
N GLU B 196 -26.54 10.53 -9.48
CA GLU B 196 -27.41 10.20 -10.59
C GLU B 196 -27.72 11.43 -11.43
N LYS B 197 -28.23 12.49 -10.79
CA LYS B 197 -28.44 13.72 -11.54
C LYS B 197 -27.20 14.14 -12.32
N ALA B 198 -26.01 13.74 -11.87
CA ALA B 198 -24.78 14.10 -12.56
C ALA B 198 -24.58 13.34 -13.87
N GLY B 199 -25.34 12.27 -14.11
CA GLY B 199 -25.20 11.50 -15.33
C GLY B 199 -24.26 10.31 -15.25
N LEU B 200 -24.02 9.79 -14.06
CA LEU B 200 -23.14 8.63 -13.89
C LEU B 200 -23.81 7.38 -14.46
N PRO B 201 -23.16 6.62 -15.33
CA PRO B 201 -23.82 5.47 -15.95
C PRO B 201 -24.32 4.43 -14.95
N ASP B 202 -25.30 3.64 -15.41
CA ASP B 202 -25.86 2.54 -14.63
C ASP B 202 -24.76 1.61 -14.12
N GLY B 203 -24.83 1.29 -12.83
CA GLY B 203 -23.96 0.31 -12.20
C GLY B 203 -22.63 0.87 -11.73
N VAL B 204 -22.22 2.05 -12.22
CA VAL B 204 -20.97 2.67 -11.82
C VAL B 204 -21.02 3.02 -10.35
N ILE B 205 -22.20 3.30 -9.81
CA ILE B 205 -22.32 3.44 -8.36
C ILE B 205 -23.58 2.74 -7.88
N ASN B 206 -23.47 2.10 -6.72
CA ASN B 206 -24.55 1.27 -6.22
C ASN B 206 -24.69 1.50 -4.74
N LEU B 207 -25.89 1.82 -4.31
CA LEU B 207 -26.17 2.09 -2.90
C LEU B 207 -26.80 0.85 -2.28
N VAL B 208 -26.25 0.38 -1.17
CA VAL B 208 -26.78 -0.79 -0.45
C VAL B 208 -26.86 -0.38 1.02
N GLN B 209 -28.05 0.03 1.45
CA GLN B 209 -28.27 0.39 2.84
C GLN B 209 -28.27 -0.87 3.71
N GLY B 210 -28.00 -0.69 4.98
CA GLY B 210 -28.10 -1.78 5.93
C GLY B 210 -27.14 -1.58 7.09
N GLY B 211 -27.23 -2.51 8.02
CA GLY B 211 -26.35 -2.53 9.16
C GLY B 211 -25.29 -3.60 9.03
N SER B 212 -25.22 -4.47 10.02
CA SER B 212 -24.09 -5.39 10.14
C SER B 212 -24.18 -6.55 9.15
N ASP B 213 -25.39 -7.06 8.91
CA ASP B 213 -25.56 -8.12 7.93
C ASP B 213 -25.14 -7.64 6.55
N THR B 214 -25.63 -6.47 6.14
CA THR B 214 -25.33 -6.02 4.79
C THR B 214 -23.83 -5.89 4.61
N GLY B 215 -23.15 -5.23 5.56
CA GLY B 215 -21.73 -5.02 5.43
C GLY B 215 -20.96 -6.32 5.31
N LYS B 216 -21.32 -7.32 6.13
CA LYS B 216 -20.65 -8.61 6.05
C LYS B 216 -20.78 -9.21 4.67
N CYS B 217 -22.01 -9.20 4.10
CA CYS B 217 -22.22 -9.77 2.77
C CYS B 217 -21.37 -9.07 1.73
N LEU B 218 -21.27 -7.74 1.82
CA LEU B 218 -20.43 -7.00 0.89
C LEU B 218 -18.95 -7.30 1.13
N ALA B 219 -18.51 -7.23 2.40
CA ALA B 219 -17.08 -7.46 2.71
C ALA B 219 -16.58 -8.82 2.19
N ARG B 220 -17.42 -9.85 2.29
CA ARG B 220 -17.03 -11.21 1.91
C ARG B 220 -17.33 -11.54 0.47
N HIS B 221 -17.92 -10.62 -0.27
CA HIS B 221 -18.29 -11.01 -1.61
C HIS B 221 -17.02 -11.27 -2.40
N SER B 222 -16.95 -12.41 -3.04
CA SER B 222 -15.73 -12.82 -3.70
C SER B 222 -15.48 -12.07 -4.99
N LEU B 223 -16.33 -11.12 -5.39
CA LEU B 223 -16.17 -10.44 -6.67
C LEU B 223 -15.85 -8.96 -6.52
N ILE B 224 -15.78 -8.42 -5.30
CA ILE B 224 -15.23 -7.09 -5.11
C ILE B 224 -13.72 -7.15 -5.30
N ASP B 225 -13.15 -6.12 -5.93
CA ASP B 225 -11.72 -6.06 -6.16
C ASP B 225 -10.97 -5.23 -5.11
N GLY B 226 -11.68 -4.43 -4.31
CA GLY B 226 -11.06 -3.62 -3.29
C GLY B 226 -12.11 -3.25 -2.27
N LEU B 227 -11.63 -2.90 -1.07
CA LEU B 227 -12.50 -2.47 0.01
C LEU B 227 -11.86 -1.27 0.69
N PHE B 228 -12.59 -0.16 0.79
CA PHE B 228 -12.11 1.06 1.39
C PHE B 228 -12.97 1.34 2.61
N PHE B 229 -12.33 1.44 3.78
CA PHE B 229 -13.02 1.49 5.05
C PHE B 229 -12.61 2.73 5.82
N THR B 230 -13.61 3.45 6.33
CA THR B 230 -13.40 4.51 7.29
C THR B 230 -14.26 4.16 8.49
N GLY B 231 -13.65 4.06 9.67
CA GLY B 231 -14.43 3.64 10.81
C GLY B 231 -13.56 3.13 11.95
N SER B 232 -14.17 2.31 12.80
CA SER B 232 -13.57 1.95 14.06
C SER B 232 -12.36 1.03 13.85
N SER B 233 -11.35 1.24 14.69
CA SER B 233 -10.13 0.44 14.63
C SER B 233 -10.41 -1.05 14.86
N THR B 234 -11.37 -1.37 15.73
CA THR B 234 -11.75 -2.77 15.95
C THR B 234 -12.22 -3.43 14.68
N VAL B 235 -13.26 -2.88 14.04
CA VAL B 235 -13.85 -3.51 12.86
C VAL B 235 -12.84 -3.52 11.71
N GLY B 236 -12.00 -2.48 11.61
CA GLY B 236 -10.96 -2.46 10.58
C GLY B 236 -9.95 -3.57 10.76
N HIS B 237 -9.61 -3.88 12.01
CA HIS B 237 -8.72 -5.01 12.28
C HIS B 237 -9.39 -6.33 11.96
N LEU B 238 -10.70 -6.46 12.27
CA LEU B 238 -11.45 -7.63 11.80
C LEU B 238 -11.40 -7.74 10.29
N LEU B 239 -11.57 -6.62 9.59
CA LEU B 239 -11.48 -6.66 8.13
C LEU B 239 -10.11 -7.14 7.69
N HIS B 240 -9.05 -6.57 8.26
CA HIS B 240 -7.72 -6.95 7.84
C HIS B 240 -7.46 -8.44 8.07
N GLU B 241 -7.96 -8.98 9.18
CA GLU B 241 -7.75 -10.41 9.40
C GLU B 241 -8.55 -11.25 8.43
N GLN B 242 -9.76 -10.82 8.08
CA GLN B 242 -10.56 -11.55 7.09
C GLN B 242 -9.83 -11.63 5.75
N PHE B 243 -9.25 -10.51 5.33
CA PHE B 243 -8.54 -10.47 4.07
C PHE B 243 -7.19 -11.14 4.13
N GLY B 244 -6.79 -11.63 5.30
CA GLY B 244 -5.49 -12.25 5.41
C GLY B 244 -5.41 -13.48 4.53
N GLY B 245 -4.48 -13.51 3.59
CA GLY B 245 -4.36 -14.59 2.63
C GLY B 245 -4.92 -14.28 1.26
N GLN B 246 -5.54 -13.11 1.08
CA GLN B 246 -6.11 -12.69 -0.19
C GLN B 246 -5.45 -11.37 -0.59
N PRO B 247 -4.16 -11.37 -0.87
CA PRO B 247 -3.53 -10.11 -1.29
C PRO B 247 -4.04 -9.57 -2.63
N GLU B 248 -4.83 -10.36 -3.38
CA GLU B 248 -5.34 -9.92 -4.67
C GLU B 248 -6.29 -8.75 -4.54
N LYS B 249 -7.01 -8.66 -3.44
CA LYS B 249 -7.94 -7.58 -3.16
C LYS B 249 -7.23 -6.48 -2.39
N ILE B 250 -7.33 -5.25 -2.86
CA ILE B 250 -6.66 -4.15 -2.18
C ILE B 250 -7.55 -3.65 -1.04
N LEU B 251 -6.95 -3.46 0.14
CA LEU B 251 -7.70 -3.07 1.32
C LEU B 251 -7.17 -1.73 1.83
N ALA B 252 -8.05 -0.76 1.99
CA ALA B 252 -7.66 0.54 2.52
C ALA B 252 -8.47 0.81 3.79
N LEU B 253 -7.77 1.00 4.91
CA LEU B 253 -8.34 1.14 6.24
C LEU B 253 -7.94 2.49 6.84
N GLU B 254 -8.94 3.29 7.16
CA GLU B 254 -8.73 4.61 7.76
C GLU B 254 -9.43 4.59 9.12
N MET B 255 -8.67 4.56 10.20
CA MET B 255 -9.25 4.24 11.49
C MET B 255 -9.05 5.40 12.46
N GLY B 256 -9.49 5.23 13.69
CA GLY B 256 -9.46 6.30 14.66
C GLY B 256 -8.09 6.47 15.28
N GLY B 257 -8.06 7.20 16.38
CA GLY B 257 -6.80 7.48 17.06
C GLY B 257 -7.00 7.82 18.52
N ASN B 258 -5.87 8.01 19.23
CA ASN B 258 -5.89 8.46 20.62
C ASN B 258 -4.97 9.69 20.72
N ASN B 259 -5.44 10.80 20.19
CA ASN B 259 -4.58 11.89 19.72
C ASN B 259 -4.17 12.81 20.86
N PRO B 260 -2.86 13.09 21.02
CA PRO B 260 -2.41 14.01 22.07
C PRO B 260 -2.14 15.41 21.56
N LEU B 261 -2.53 16.43 22.34
CA LEU B 261 -2.15 17.82 22.11
C LEU B 261 -1.32 18.35 23.29
N ILE B 262 -0.15 18.88 22.99
CA ILE B 262 0.75 19.47 23.99
C ILE B 262 0.56 20.98 23.98
N VAL B 263 0.57 21.59 25.16
CA VAL B 263 0.53 23.05 25.28
C VAL B 263 1.63 23.46 26.27
N GLN B 264 2.70 24.05 25.76
CA GLN B 264 3.80 24.48 26.61
C GLN B 264 4.37 25.76 26.03
N ASN B 265 4.43 26.82 26.85
CA ASN B 265 5.14 28.04 26.51
C ASN B 265 4.41 28.85 25.44
N VAL B 266 3.22 29.35 25.76
CA VAL B 266 2.42 30.17 24.83
C VAL B 266 2.23 31.56 25.43
N SER B 267 2.42 32.59 24.61
CA SER B 267 2.27 33.97 25.04
C SER B 267 0.87 34.53 24.81
N ASP B 268 0.04 33.88 24.02
CA ASP B 268 -1.31 34.35 23.74
C ASP B 268 -2.32 33.40 24.39
N LEU B 269 -2.71 33.70 25.62
CA LEU B 269 -3.54 32.80 26.41
C LEU B 269 -4.78 32.35 25.64
N ASP B 270 -5.67 33.29 25.29
CA ASP B 270 -6.92 32.90 24.64
C ASP B 270 -6.65 32.16 23.33
N GLY B 271 -5.73 32.67 22.51
CA GLY B 271 -5.41 32.00 21.26
C GLY B 271 -5.12 30.53 21.43
N ALA B 272 -4.41 30.17 22.50
CA ALA B 272 -4.18 28.75 22.71
C ALA B 272 -5.44 28.05 23.20
N VAL B 273 -6.26 28.74 24.00
CA VAL B 273 -7.46 28.10 24.52
C VAL B 273 -8.46 27.86 23.38
N HIS B 274 -8.42 28.71 22.35
CA HIS B 274 -9.25 28.51 21.16
C HIS B 274 -8.86 27.24 20.42
N HIS B 275 -7.58 27.13 20.05
CA HIS B 275 -7.13 25.95 19.32
C HIS B 275 -7.27 24.69 20.15
N ALA B 276 -7.13 24.81 21.46
CA ALA B 276 -7.27 23.64 22.33
C ALA B 276 -8.74 23.20 22.40
N LEU B 277 -9.67 24.16 22.42
CA LEU B 277 -11.08 23.82 22.45
C LEU B 277 -11.54 23.23 21.12
N GLN B 278 -11.17 23.88 20.00
CA GLN B 278 -11.42 23.30 18.68
C GLN B 278 -10.98 21.85 18.63
N SER B 279 -9.73 21.60 19.01
CA SER B 279 -9.15 20.26 18.85
C SER B 279 -9.98 19.21 19.55
N ALA B 280 -10.50 19.52 20.72
CA ALA B 280 -11.08 18.48 21.55
C ALA B 280 -12.59 18.34 21.38
N PHE B 281 -13.27 19.43 21.04
CA PHE B 281 -14.72 19.48 21.14
C PHE B 281 -15.42 19.80 19.84
N LEU B 282 -14.68 20.09 18.78
CA LEU B 282 -15.33 20.35 17.50
C LEU B 282 -16.15 19.13 17.08
N SER B 283 -17.35 19.38 16.58
CA SER B 283 -18.28 18.30 16.22
C SER B 283 -18.64 17.48 17.45
N ALA B 284 -18.64 18.10 18.62
CA ALA B 284 -18.89 17.37 19.87
C ALA B 284 -17.85 16.28 20.11
N GLY B 285 -16.62 16.53 19.67
CA GLY B 285 -15.55 15.55 19.77
C GLY B 285 -15.75 14.31 18.94
N GLN B 286 -16.28 14.44 17.73
CA GLN B 286 -16.47 13.27 16.89
C GLN B 286 -15.62 13.29 15.63
N ARG B 287 -14.68 14.22 15.51
CA ARG B 287 -13.75 14.16 14.39
C ARG B 287 -12.64 13.15 14.67
N CYS B 288 -12.31 12.35 13.67
CA CYS B 288 -11.33 11.28 13.87
C CYS B 288 -10.04 11.78 14.50
N THR B 289 -9.66 13.02 14.18
CA THR B 289 -8.40 13.57 14.64
C THR B 289 -8.53 14.39 15.91
N CYS B 290 -9.64 14.28 16.63
CA CYS B 290 -9.85 15.10 17.82
C CYS B 290 -8.84 14.77 18.89
N ALA B 291 -8.36 15.81 19.57
CA ALA B 291 -7.48 15.64 20.71
C ALA B 291 -8.23 14.98 21.85
N ARG B 292 -7.72 13.86 22.32
CA ARG B 292 -8.32 13.16 23.44
C ARG B 292 -7.49 13.25 24.71
N ARG B 293 -6.18 13.46 24.58
CA ARG B 293 -5.25 13.57 25.69
C ARG B 293 -4.53 14.90 25.52
N LEU B 294 -4.68 15.78 26.53
CA LEU B 294 -4.06 17.11 26.52
C LEU B 294 -2.89 17.12 27.51
N LEU B 295 -1.70 17.43 27.03
CA LEU B 295 -0.47 17.32 27.80
C LEU B 295 0.00 18.72 28.17
N VAL B 296 -0.06 19.02 29.47
CA VAL B 296 0.21 20.37 29.95
C VAL B 296 1.34 20.33 30.97
N PRO B 297 2.27 21.29 30.93
CA PRO B 297 3.35 21.31 31.92
C PRO B 297 2.83 21.45 33.34
N LYS B 298 3.40 20.64 34.22
CA LYS B 298 3.03 20.67 35.63
C LYS B 298 3.37 22.04 36.23
N GLY B 299 2.57 22.45 37.20
CA GLY B 299 2.89 23.59 38.02
C GLY B 299 2.44 24.96 37.55
N LYS B 300 3.22 25.97 37.93
CA LYS B 300 2.81 27.36 37.77
C LYS B 300 2.53 27.69 36.31
N LYS B 301 3.55 27.52 35.47
CA LYS B 301 3.48 27.97 34.09
C LYS B 301 2.35 27.30 33.30
N GLY B 302 1.75 26.24 33.82
CA GLY B 302 0.66 25.56 33.13
C GLY B 302 -0.73 25.77 33.70
N ASP B 303 -0.82 25.99 35.01
CA ASP B 303 -2.11 25.99 35.70
C ASP B 303 -3.07 27.04 35.16
N GLU B 304 -2.56 28.23 34.81
CA GLU B 304 -3.45 29.27 34.29
C GLU B 304 -4.14 28.83 33.00
N PHE B 305 -3.41 28.12 32.14
CA PHE B 305 -3.98 27.66 30.88
C PHE B 305 -5.23 26.82 31.12
N LEU B 306 -5.12 25.77 31.96
CA LEU B 306 -6.29 24.95 32.25
C LEU B 306 -7.43 25.75 32.86
N ALA B 307 -7.14 26.82 33.59
CA ALA B 307 -8.21 27.61 34.19
C ALA B 307 -8.96 28.39 33.14
N ARG B 308 -8.25 29.16 32.31
CA ARG B 308 -8.92 29.86 31.23
C ARG B 308 -9.59 28.87 30.27
N LEU B 309 -8.94 27.72 30.02
CA LEU B 309 -9.55 26.71 29.16
C LEU B 309 -10.82 26.14 29.77
N VAL B 310 -10.78 25.81 31.07
CA VAL B 310 -12.00 25.31 31.71
C VAL B 310 -13.06 26.38 31.76
N GLU B 311 -12.66 27.63 32.01
CA GLU B 311 -13.60 28.74 31.98
C GLU B 311 -14.28 28.83 30.60
N VAL B 312 -13.49 28.87 29.53
CA VAL B 312 -14.06 29.08 28.22
C VAL B 312 -14.79 27.82 27.74
N ALA B 313 -14.30 26.64 28.11
CA ALA B 313 -14.97 25.40 27.71
C ALA B 313 -16.35 25.28 28.34
N ALA B 314 -16.53 25.80 29.54
CA ALA B 314 -17.82 25.73 30.22
C ALA B 314 -18.83 26.71 29.64
N ARG B 315 -18.40 27.61 28.77
CA ARG B 315 -19.33 28.49 28.08
C ARG B 315 -19.65 27.99 26.68
N ILE B 316 -19.17 26.80 26.32
CA ILE B 316 -19.55 26.24 25.03
C ILE B 316 -21.05 25.97 24.99
N THR B 317 -21.68 26.36 23.90
CA THR B 317 -23.10 26.16 23.70
C THR B 317 -23.35 24.89 22.88
N VAL B 318 -24.40 24.16 23.27
CA VAL B 318 -24.76 22.87 22.67
C VAL B 318 -26.27 22.83 22.53
N ALA B 319 -26.76 22.60 21.33
CA ALA B 319 -28.20 22.61 21.07
C ALA B 319 -28.50 21.77 19.84
N GLU B 320 -29.73 21.89 19.34
CA GLU B 320 -30.19 21.15 18.17
C GLU B 320 -29.45 21.62 16.93
N PHE B 321 -29.38 20.75 15.93
CA PHE B 321 -28.59 21.07 14.75
C PHE B 321 -29.03 22.39 14.11
N ASP B 322 -30.31 22.74 14.28
CA ASP B 322 -30.90 23.92 13.64
C ASP B 322 -31.35 24.97 14.66
N ALA B 323 -30.58 25.16 15.72
CA ALA B 323 -30.93 26.09 16.78
C ALA B 323 -31.05 27.52 16.27
N ASP B 324 -31.91 28.32 16.93
CA ASP B 324 -32.22 29.66 16.44
C ASP B 324 -30.98 30.53 16.27
N PRO B 325 -30.10 30.69 17.29
CA PRO B 325 -28.71 31.04 17.01
C PRO B 325 -27.88 29.78 17.11
N GLN B 326 -26.91 29.59 16.23
CA GLN B 326 -26.24 28.30 16.13
C GLN B 326 -25.38 28.04 17.36
N PRO B 327 -25.36 26.80 17.86
CA PRO B 327 -24.40 26.40 18.89
C PRO B 327 -23.03 26.09 18.29
N PHE B 328 -22.02 26.05 19.16
CA PHE B 328 -20.70 25.64 18.69
C PHE B 328 -20.70 24.19 18.22
N MET B 329 -21.30 23.31 19.01
CA MET B 329 -21.31 21.89 18.73
C MET B 329 -22.71 21.35 18.96
N GLY B 330 -22.94 20.13 18.48
CA GLY B 330 -24.26 19.54 18.61
C GLY B 330 -24.27 18.28 19.45
N SER B 331 -25.35 17.50 19.29
CA SER B 331 -25.52 16.23 19.99
C SER B 331 -24.53 15.19 19.49
N VAL B 332 -24.23 14.22 20.35
CA VAL B 332 -23.55 13.00 19.92
C VAL B 332 -24.56 12.18 19.11
N ILE B 333 -24.11 11.07 18.52
CA ILE B 333 -24.88 10.45 17.43
C ILE B 333 -26.21 9.87 17.91
N SER B 334 -26.32 9.47 19.17
CA SER B 334 -27.54 8.86 19.67
C SER B 334 -27.57 9.00 21.18
N ALA B 335 -28.76 8.81 21.75
CA ALA B 335 -28.86 8.83 23.21
C ALA B 335 -28.05 7.71 23.84
N GLU B 336 -27.92 6.57 23.14
CA GLU B 336 -27.10 5.48 23.66
C GLU B 336 -25.63 5.88 23.75
N ALA B 337 -25.07 6.38 22.63
CA ALA B 337 -23.69 6.81 22.63
C ALA B 337 -23.40 7.73 23.81
N ALA B 338 -24.23 8.75 23.98
CA ALA B 338 -24.07 9.62 25.14
C ALA B 338 -24.07 8.81 26.44
N ASN B 339 -24.84 7.71 26.48
CA ASN B 339 -24.94 6.91 27.69
C ASN B 339 -23.59 6.32 28.10
N GLN B 340 -22.87 5.70 27.16
CA GLN B 340 -21.58 5.15 27.52
C GLN B 340 -20.52 6.23 27.71
N LEU B 341 -20.69 7.38 27.08
CA LEU B 341 -19.80 8.50 27.36
C LEU B 341 -19.90 8.92 28.83
N LEU B 342 -21.12 8.93 29.39
CA LEU B 342 -21.27 9.20 30.81
C LEU B 342 -20.67 8.07 31.64
N LYS B 343 -20.83 6.82 31.20
CA LYS B 343 -20.18 5.70 31.89
C LYS B 343 -18.67 5.80 31.78
N ALA B 344 -18.17 6.29 30.64
CA ALA B 344 -16.74 6.43 30.45
C ALA B 344 -16.12 7.32 31.54
N GLN B 345 -16.65 8.55 31.68
CA GLN B 345 -16.08 9.46 32.67
C GLN B 345 -16.39 8.99 34.07
N ALA B 346 -17.49 8.25 34.24
CA ALA B 346 -17.77 7.62 35.53
C ALA B 346 -16.65 6.65 35.90
N ALA B 347 -16.30 5.76 34.98
CA ALA B 347 -15.20 4.84 35.24
C ALA B 347 -13.91 5.56 35.60
N MET B 348 -13.61 6.67 34.90
CA MET B 348 -12.35 7.39 35.14
C MET B 348 -12.23 7.88 36.58
N LEU B 349 -13.23 8.61 37.06
CA LEU B 349 -13.14 9.17 38.40
C LEU B 349 -13.05 8.07 39.44
N GLU B 350 -13.89 7.04 39.30
CA GLU B 350 -13.76 5.89 40.20
C GLU B 350 -12.37 5.30 40.14
N LYS B 351 -11.61 5.58 39.08
CA LYS B 351 -10.25 5.09 38.92
C LYS B 351 -9.21 6.00 39.58
N GLY B 352 -9.60 7.20 39.98
CA GLY B 352 -8.71 8.14 40.63
C GLY B 352 -8.54 9.47 39.92
N ALA B 353 -9.06 9.64 38.72
CA ALA B 353 -8.97 10.92 38.03
C ALA B 353 -9.91 11.94 38.67
N THR B 354 -9.67 13.22 38.37
CA THR B 354 -10.42 14.32 38.95
C THR B 354 -11.05 15.18 37.87
N SER B 355 -12.26 15.64 38.15
CA SER B 355 -13.09 16.35 37.18
C SER B 355 -12.78 17.84 37.18
N LEU B 356 -12.32 18.36 36.04
CA LEU B 356 -12.14 19.80 35.86
C LEU B 356 -13.43 20.48 35.41
N LEU B 357 -14.14 19.84 34.49
CA LEU B 357 -15.38 20.32 33.92
C LEU B 357 -16.23 19.09 33.66
N GLU B 358 -17.45 19.08 34.21
CA GLU B 358 -18.29 17.89 34.17
C GLU B 358 -19.09 17.81 32.87
N MET B 359 -18.91 16.71 32.14
CA MET B 359 -19.79 16.37 31.03
C MET B 359 -21.16 15.98 31.57
N LYS B 360 -22.21 16.69 31.14
CA LYS B 360 -23.56 16.47 31.63
C LYS B 360 -24.49 16.23 30.44
N GLN B 361 -25.48 15.36 30.63
CA GLN B 361 -26.50 15.13 29.62
C GLN B 361 -27.51 16.28 29.68
N LEU B 362 -27.56 17.08 28.62
CA LEU B 362 -28.30 18.35 28.67
C LEU B 362 -29.82 18.19 28.62
N LYS B 363 -30.34 17.08 28.07
CA LYS B 363 -31.77 16.86 27.94
C LYS B 363 -32.07 15.38 28.11
N PRO B 364 -33.16 15.02 28.79
CA PRO B 364 -33.28 13.68 29.38
C PRO B 364 -32.80 12.52 28.52
N ASP B 365 -33.45 12.25 27.41
CA ASP B 365 -33.09 11.10 26.57
C ASP B 365 -32.61 11.59 25.21
N THR B 366 -31.48 12.29 25.20
CA THR B 366 -30.91 12.80 23.96
C THR B 366 -29.41 12.54 23.95
N GLY B 367 -28.77 12.92 22.85
CA GLY B 367 -27.33 12.83 22.78
C GLY B 367 -26.67 14.17 23.03
N LEU B 368 -27.41 15.13 23.59
CA LEU B 368 -26.85 16.46 23.84
C LEU B 368 -25.98 16.40 25.10
N LEU B 369 -24.66 16.48 24.93
CA LEU B 369 -23.70 16.39 26.04
C LEU B 369 -22.91 17.68 26.19
N SER B 370 -22.66 18.07 27.42
CA SER B 370 -21.77 19.19 27.67
C SER B 370 -20.30 18.74 27.68
N PRO B 371 -19.37 19.66 27.44
CA PRO B 371 -17.95 19.30 27.44
C PRO B 371 -17.52 18.76 28.81
N GLY B 372 -16.60 17.82 28.75
CA GLY B 372 -16.08 17.19 29.96
C GLY B 372 -14.57 17.15 29.91
N ILE B 373 -13.95 17.51 31.04
CA ILE B 373 -12.49 17.52 31.18
C ILE B 373 -12.13 16.78 32.46
N VAL B 374 -11.26 15.79 32.36
CA VAL B 374 -10.83 14.99 33.50
C VAL B 374 -9.33 15.00 33.53
N ASP B 375 -8.76 15.09 34.74
CA ASP B 375 -7.32 15.01 34.99
C ASP B 375 -7.04 13.61 35.52
N ALA B 376 -6.29 12.83 34.74
CA ALA B 376 -5.85 11.49 35.14
C ALA B 376 -4.33 11.44 35.33
N THR B 377 -3.75 12.53 35.85
CA THR B 377 -2.29 12.69 35.82
C THR B 377 -1.53 11.51 36.42
N GLY B 378 -2.08 10.88 37.44
CA GLY B 378 -1.38 9.74 38.00
C GLY B 378 -2.09 8.42 37.77
N ILE B 379 -3.23 8.46 37.07
CA ILE B 379 -4.13 7.33 36.95
C ILE B 379 -3.94 6.65 35.60
N GLU B 380 -4.09 5.32 35.58
CA GLU B 380 -3.89 4.52 34.39
C GLU B 380 -5.23 4.26 33.72
N LEU B 381 -5.47 4.91 32.60
CA LEU B 381 -6.69 4.71 31.84
C LEU B 381 -6.41 3.86 30.60
N GLU B 382 -7.48 3.35 30.00
CA GLU B 382 -7.35 2.44 28.87
C GLU B 382 -6.99 3.19 27.59
N ASP B 383 -6.26 2.50 26.70
CA ASP B 383 -5.84 3.04 25.41
C ASP B 383 -6.96 2.77 24.39
N GLN B 384 -7.94 3.66 24.35
CA GLN B 384 -9.16 3.40 23.59
C GLN B 384 -9.58 4.62 22.77
N GLU B 385 -9.81 4.40 21.47
CA GLU B 385 -10.41 5.41 20.61
C GLU B 385 -11.88 5.61 20.98
N PHE B 386 -12.37 6.83 20.81
CA PHE B 386 -13.79 7.04 21.03
C PHE B 386 -14.19 8.43 20.57
N PHE B 387 -15.47 8.59 20.27
CA PHE B 387 -16.07 9.85 19.86
C PHE B 387 -16.90 10.42 20.99
N GLY B 388 -16.73 11.71 21.26
CA GLY B 388 -17.40 12.36 22.37
C GLY B 388 -16.59 13.51 22.93
N PRO B 389 -17.25 14.46 23.60
CA PRO B 389 -16.56 15.65 24.12
C PRO B 389 -16.03 15.41 25.53
N LEU B 390 -15.14 14.43 25.68
CA LEU B 390 -14.55 14.04 26.97
C LEU B 390 -13.04 14.08 26.84
N LEU B 391 -12.42 15.12 27.39
CA LEU B 391 -11.00 15.37 27.25
C LEU B 391 -10.28 15.02 28.54
N THR B 392 -9.20 14.26 28.43
CA THR B 392 -8.39 13.89 29.58
C THR B 392 -7.07 14.65 29.55
N VAL B 393 -6.67 15.14 30.71
CA VAL B 393 -5.46 15.95 30.86
C VAL B 393 -4.43 15.15 31.64
N TYR B 394 -3.19 15.23 31.18
CA TYR B 394 -2.04 14.67 31.87
C TYR B 394 -1.02 15.78 32.08
N ARG B 395 -0.55 15.92 33.31
CA ARG B 395 0.47 16.90 33.65
C ARG B 395 1.84 16.24 33.66
N TYR B 396 2.87 17.01 33.30
CA TYR B 396 4.20 16.46 33.11
C TYR B 396 5.23 17.52 33.49
N LYS B 397 6.50 17.07 33.58
CA LYS B 397 7.63 17.88 34.00
C LYS B 397 8.57 18.26 32.85
N GLY B 398 9.43 17.34 32.41
CA GLY B 398 10.26 17.61 31.25
C GLY B 398 9.49 17.42 29.95
N PHE B 399 9.84 18.24 28.95
CA PHE B 399 9.22 18.08 27.64
C PHE B 399 9.51 16.70 27.07
N ASP B 400 10.64 16.10 27.46
CA ASP B 400 10.88 14.69 27.14
C ASP B 400 9.83 13.79 27.77
N GLU B 401 9.24 14.20 28.88
CA GLU B 401 8.09 13.49 29.42
C GLU B 401 6.83 13.71 28.57
N ALA B 402 6.66 14.90 28.00
CA ALA B 402 5.57 15.12 27.05
C ALA B 402 5.67 14.17 25.88
N LEU B 403 6.85 14.09 25.25
CA LEU B 403 7.05 13.17 24.15
C LEU B 403 6.72 11.74 24.55
N GLU B 404 7.23 11.29 25.71
CA GLU B 404 6.99 9.92 26.12
C GLU B 404 5.50 9.63 26.28
N LEU B 405 4.75 10.59 26.81
CA LEU B 405 3.31 10.41 26.97
C LEU B 405 2.59 10.49 25.63
N ALA B 406 3.00 11.44 24.77
CA ALA B 406 2.39 11.56 23.47
C ALA B 406 2.40 10.21 22.75
N ASN B 407 3.52 9.50 22.78
CA ASN B 407 3.65 8.19 22.15
C ASN B 407 3.14 7.04 23.01
N ASN B 408 2.57 7.30 24.19
CA ASN B 408 2.03 6.23 25.02
C ASN B 408 0.63 5.86 24.48
N THR B 409 0.64 5.20 23.33
CA THR B 409 -0.56 4.71 22.68
C THR B 409 -0.15 3.89 21.48
N ARG B 410 -0.96 2.89 21.17
CA ARG B 410 -0.73 2.06 19.99
C ARG B 410 -1.39 2.63 18.73
N TYR B 411 -2.14 3.72 18.87
CA TYR B 411 -2.69 4.49 17.78
C TYR B 411 -1.64 5.41 17.20
N GLY B 412 -2.00 6.16 16.15
CA GLY B 412 -1.03 7.04 15.55
C GLY B 412 -1.61 8.01 14.55
N LEU B 413 -2.74 8.63 14.89
CA LEU B 413 -3.39 9.42 13.85
C LEU B 413 -2.89 10.86 13.91
N SER B 414 -3.35 11.63 14.88
CA SER B 414 -2.94 13.01 14.95
C SER B 414 -2.17 13.24 16.23
N ALA B 415 -1.36 14.30 16.22
CA ALA B 415 -0.58 14.73 17.38
C ALA B 415 -0.24 16.20 17.14
N GLY B 416 -0.01 16.92 18.22
CA GLY B 416 0.27 18.34 18.02
C GLY B 416 0.80 19.03 19.26
N ILE B 417 1.27 20.26 19.04
CA ILE B 417 1.78 21.12 20.09
C ILE B 417 1.35 22.55 19.78
N LEU B 418 0.88 23.25 20.81
CA LEU B 418 0.74 24.70 20.78
C LEU B 418 1.93 25.29 21.56
N SER B 419 2.68 26.18 20.91
CA SER B 419 3.84 26.75 21.57
C SER B 419 4.42 27.86 20.70
N ASP B 420 5.05 28.84 21.37
CA ASP B 420 5.79 29.88 20.65
C ASP B 420 7.15 29.38 20.18
N ASP B 421 7.63 28.28 20.75
CA ASP B 421 8.99 27.80 20.57
C ASP B 421 9.01 26.77 19.44
N ARG B 422 9.40 27.22 18.24
CA ARG B 422 9.46 26.33 17.08
C ARG B 422 10.21 25.03 17.36
N LYS B 423 11.22 25.07 18.22
CA LYS B 423 12.03 23.87 18.40
C LYS B 423 11.33 22.81 19.24
N LEU B 424 10.39 23.19 20.10
CA LEU B 424 9.59 22.17 20.75
C LEU B 424 8.73 21.43 19.72
N TYR B 425 8.23 22.15 18.70
CA TYR B 425 7.57 21.49 17.58
C TYR B 425 8.55 20.64 16.78
N ASN B 426 9.78 21.11 16.57
CA ASN B 426 10.75 20.32 15.81
C ASN B 426 11.06 19.00 16.50
N ARG B 427 11.13 19.02 17.84
CA ARG B 427 11.35 17.77 18.57
C ARG B 427 10.15 16.84 18.45
N LEU B 428 8.92 17.35 18.58
CA LEU B 428 7.77 16.48 18.40
C LEU B 428 7.82 15.78 17.03
N VAL B 429 8.06 16.54 15.97
CA VAL B 429 8.07 16.00 14.61
C VAL B 429 9.13 14.91 14.48
N GLU B 430 10.28 15.09 15.14
CA GLU B 430 11.37 14.13 15.11
C GLU B 430 11.03 12.86 15.87
N GLU B 431 10.12 12.94 16.82
CA GLU B 431 9.93 11.84 17.75
C GLU B 431 8.58 11.17 17.66
N VAL B 432 7.55 11.91 17.33
CA VAL B 432 6.18 11.38 17.37
C VAL B 432 5.92 10.46 16.17
N ARG B 433 5.18 9.39 16.41
CA ARG B 433 4.79 8.44 15.38
C ARG B 433 3.31 8.67 15.05
N ALA B 434 3.04 9.68 14.22
CA ALA B 434 1.67 10.08 13.94
C ALA B 434 1.55 10.62 12.52
N GLY B 435 0.37 10.43 11.92
CA GLY B 435 0.15 10.76 10.52
C GLY B 435 -0.01 12.23 10.23
N ILE B 436 -0.72 12.96 11.10
CA ILE B 436 -0.83 14.41 11.01
C ILE B 436 -0.34 15.00 12.32
N VAL B 437 0.50 16.03 12.22
CA VAL B 437 1.17 16.62 13.39
C VAL B 437 1.17 18.13 13.18
N ASN B 438 0.43 18.85 14.01
CA ASN B 438 0.24 20.28 13.84
C ASN B 438 0.95 21.13 14.90
N TRP B 439 1.33 22.34 14.50
CA TRP B 439 1.94 23.35 15.36
C TRP B 439 1.07 24.59 15.32
N ASN B 440 0.41 24.90 16.43
CA ASN B 440 -0.37 26.13 16.58
C ASN B 440 -1.58 26.19 15.67
N ARG B 441 -2.07 25.04 15.26
CA ARG B 441 -3.37 24.84 14.63
C ARG B 441 -4.09 23.72 15.35
N PRO B 442 -5.42 23.73 15.36
CA PRO B 442 -6.16 22.63 15.99
C PRO B 442 -5.81 21.28 15.39
N LEU B 443 -5.87 20.25 16.21
CA LEU B 443 -5.64 18.89 15.70
C LEU B 443 -6.66 18.55 14.62
N THR B 444 -7.90 19.03 14.75
CA THR B 444 -8.97 18.74 13.78
C THR B 444 -8.76 19.41 12.43
N GLY B 445 -7.76 20.27 12.29
CA GLY B 445 -7.45 20.90 11.02
C GLY B 445 -6.48 20.08 10.18
N ALA B 446 -6.90 19.70 8.99
CA ALA B 446 -6.07 18.95 8.06
C ALA B 446 -6.31 19.49 6.65
N SER B 447 -5.39 19.16 5.74
CA SER B 447 -5.40 19.69 4.39
C SER B 447 -5.66 18.56 3.40
N SER B 448 -6.80 18.61 2.70
CA SER B 448 -7.06 17.59 1.70
C SER B 448 -5.98 17.58 0.61
N ALA B 449 -5.18 18.64 0.48
CA ALA B 449 -4.07 18.64 -0.48
C ALA B 449 -2.85 17.86 0.00
N ALA B 450 -2.91 17.22 1.16
CA ALA B 450 -1.86 16.36 1.69
C ALA B 450 -2.42 15.01 2.06
N PRO B 451 -1.56 13.99 2.19
CA PRO B 451 -2.02 12.67 2.66
C PRO B 451 -2.70 12.80 4.01
N PHE B 452 -3.61 11.86 4.26
CA PHE B 452 -4.37 11.83 5.52
C PHE B 452 -4.43 10.38 5.98
N GLY B 453 -3.47 9.99 6.81
CA GLY B 453 -3.45 8.64 7.32
C GLY B 453 -2.57 8.44 8.53
N GLY B 454 -3.06 7.66 9.47
CA GLY B 454 -2.27 7.27 10.61
C GLY B 454 -1.54 5.95 10.42
N VAL B 455 -0.50 5.79 11.25
CA VAL B 455 0.25 4.55 11.34
C VAL B 455 -0.12 3.90 12.66
N GLY B 456 0.65 2.90 13.07
CA GLY B 456 0.18 2.15 14.22
C GLY B 456 -1.20 1.61 13.95
N ALA B 457 -2.05 1.67 14.96
CA ALA B 457 -3.39 1.07 14.90
C ALA B 457 -4.40 1.91 14.10
N SER B 458 -3.98 2.99 13.45
CA SER B 458 -4.85 3.91 12.75
C SER B 458 -4.92 3.66 11.25
N GLY B 459 -4.18 2.68 10.73
CA GLY B 459 -4.22 2.46 9.30
C GLY B 459 -3.56 1.16 8.90
N ASN B 460 -3.48 0.95 7.59
CA ASN B 460 -2.71 -0.16 7.03
C ASN B 460 -1.79 0.36 5.94
N HIS B 461 -1.33 1.60 6.13
CA HIS B 461 -0.33 2.19 5.26
C HIS B 461 -0.92 2.44 3.88
N ARG B 462 -2.17 2.87 3.87
CA ARG B 462 -2.88 3.29 2.67
C ARG B 462 -3.49 4.64 2.98
N PRO B 463 -2.64 5.62 3.28
CA PRO B 463 -3.15 6.93 3.64
C PRO B 463 -4.08 7.46 2.55
N SER B 464 -5.08 8.22 2.97
CA SER B 464 -6.11 8.73 2.09
C SER B 464 -5.87 10.21 1.77
N ALA B 465 -6.95 10.95 1.56
CA ALA B 465 -6.93 12.29 0.99
C ALA B 465 -5.96 12.28 -0.18
N TYR B 466 -4.94 13.15 -0.16
CA TYR B 466 -4.11 13.33 -1.34
C TYR B 466 -3.56 12.02 -1.89
N TYR B 467 -3.24 11.06 -1.00
CA TYR B 467 -2.68 9.79 -1.45
C TYR B 467 -3.73 8.75 -1.79
N ALA B 468 -5.03 9.08 -1.68
CA ALA B 468 -6.05 8.11 -2.11
C ALA B 468 -5.79 7.63 -3.52
N ALA B 469 -5.25 8.50 -4.39
CA ALA B 469 -4.90 8.03 -5.72
C ALA B 469 -4.12 6.73 -5.66
N ASP B 470 -3.27 6.57 -4.64
CA ASP B 470 -2.36 5.45 -4.62
C ASP B 470 -3.09 4.14 -4.51
N TYR B 471 -4.16 4.07 -3.70
CA TYR B 471 -4.89 2.82 -3.60
C TYR B 471 -6.08 2.69 -4.60
N CYS B 472 -6.37 3.74 -5.38
CA CYS B 472 -7.48 3.66 -6.36
C CYS B 472 -7.04 3.17 -7.72
N ALA B 473 -5.74 3.21 -8.05
CA ALA B 473 -5.27 2.73 -9.34
C ALA B 473 -3.88 2.16 -9.16
N TRP B 474 -3.56 1.05 -9.86
CA TRP B 474 -2.30 0.31 -9.89
C TRP B 474 -1.53 0.60 -11.16
N PRO B 475 -0.20 0.48 -11.11
CA PRO B 475 0.65 0.86 -12.23
C PRO B 475 0.89 -0.26 -13.21
N MET B 476 1.01 0.14 -14.48
CA MET B 476 1.30 -0.75 -15.60
C MET B 476 2.44 -0.12 -16.35
N ALA B 477 3.58 -0.76 -16.37
CA ALA B 477 4.78 -0.17 -16.96
C ALA B 477 5.14 -0.94 -18.23
N SER B 478 5.52 -0.20 -19.26
CA SER B 478 5.77 -0.80 -20.56
C SER B 478 7.12 -0.36 -21.06
N LEU B 479 7.81 -1.30 -21.72
CA LEU B 479 8.93 -0.99 -22.61
C LEU B 479 8.45 -1.23 -24.02
N GLU B 480 8.49 -0.21 -24.85
CA GLU B 480 8.05 -0.25 -26.23
C GLU B 480 9.24 -0.16 -27.17
N ALA B 481 9.12 -0.82 -28.31
CA ALA B 481 10.14 -0.73 -29.35
C ALA B 481 9.60 -0.17 -30.65
N GLY B 482 8.55 -0.76 -31.21
CA GLY B 482 8.03 -0.37 -32.51
C GLY B 482 8.11 -1.49 -33.54
N LYS B 483 9.17 -2.28 -33.50
CA LYS B 483 9.19 -3.56 -34.21
C LYS B 483 10.30 -4.43 -33.64
N SER B 484 9.96 -5.68 -33.32
CA SER B 484 10.94 -6.65 -32.82
C SER B 484 12.03 -6.89 -33.86
N GLU B 485 13.28 -6.64 -33.50
CA GLU B 485 14.38 -6.83 -34.42
C GLU B 485 15.67 -7.07 -33.65
N LEU B 486 16.56 -7.86 -34.26
CA LEU B 486 17.81 -8.29 -33.64
C LEU B 486 18.56 -7.09 -33.08
N PRO B 487 19.28 -7.24 -31.97
CA PRO B 487 20.13 -6.16 -31.46
C PRO B 487 21.48 -6.15 -32.17
N ASP B 488 22.21 -5.05 -31.99
CA ASP B 488 23.55 -4.94 -32.58
C ASP B 488 24.50 -5.98 -32.00
N SER B 489 24.51 -6.13 -30.69
CA SER B 489 25.32 -7.13 -30.02
C SER B 489 24.41 -8.25 -29.52
N LEU B 490 24.59 -9.45 -30.06
CA LEU B 490 23.78 -10.58 -29.61
C LEU B 490 24.35 -11.15 -28.31
N ALA B 491 23.54 -11.93 -27.64
CA ALA B 491 24.12 -12.60 -26.50
C ALA B 491 24.71 -13.93 -26.92
N PRO B 492 25.75 -14.40 -26.22
CA PRO B 492 26.35 -15.70 -26.57
C PRO B 492 25.31 -16.81 -26.60
N GLY B 493 25.49 -17.75 -27.53
CA GLY B 493 24.62 -18.89 -27.68
C GLY B 493 23.44 -18.68 -28.61
N LEU B 494 23.29 -17.46 -29.14
CA LEU B 494 22.18 -17.11 -30.01
C LEU B 494 22.67 -17.21 -31.46
N ASN B 495 22.19 -18.24 -32.17
CA ASN B 495 22.69 -18.59 -33.50
C ASN B 495 21.56 -18.42 -34.51
N PHE B 496 21.68 -17.42 -35.37
CA PHE B 496 20.69 -17.20 -36.42
C PHE B 496 21.28 -17.47 -37.81
C1 EDO C . -9.85 -9.60 -33.82
O1 EDO C . -10.72 -10.57 -33.20
C2 EDO C . -8.86 -10.26 -34.80
O2 EDO C . -7.69 -9.44 -35.01
H11 EDO C . -10.46 -8.87 -34.36
H12 EDO C . -9.30 -9.07 -33.05
HO1 EDO C . -11.33 -10.12 -32.59
H21 EDO C . -9.37 -10.43 -35.76
H22 EDO C . -8.56 -11.23 -34.41
HO2 EDO C . -7.09 -9.87 -35.63
C1 EDO D . 13.64 -18.44 1.34
O1 EDO D . 13.78 -19.21 2.56
C2 EDO D . 13.42 -16.96 1.66
O2 EDO D . 14.61 -16.19 1.42
H11 EDO D . 14.54 -18.54 0.73
H12 EDO D . 12.79 -18.81 0.76
HO1 EDO D . 13.92 -20.13 2.34
H21 EDO D . 12.59 -16.57 1.05
H22 EDO D . 13.13 -16.85 2.71
HO2 EDO D . 14.44 -15.26 1.63
C1 EDO E . 16.47 2.01 -16.05
O1 EDO E . 16.80 2.53 -17.34
C2 EDO E . 17.09 0.63 -15.86
O2 EDO E . 16.17 -0.26 -15.23
H11 EDO E . 16.83 2.68 -15.27
H12 EDO E . 15.38 1.93 -15.95
HO1 EDO E . 16.40 3.40 -17.44
H21 EDO E . 17.39 0.21 -16.83
H22 EDO E . 17.99 0.72 -15.25
HO2 EDO E . 16.57 -1.13 -15.11
C1 EDO F . 11.90 16.47 8.66
O1 EDO F . 12.51 16.04 9.89
C2 EDO F . 13.00 16.73 7.64
O2 EDO F . 12.46 16.58 6.34
H11 EDO F . 11.23 15.69 8.29
H12 EDO F . 11.32 17.38 8.82
HO1 EDO F . 11.82 15.86 10.54
H21 EDO F . 13.39 17.74 7.78
H22 EDO F . 13.82 16.02 7.80
HO2 EDO F . 13.14 16.74 5.68
C1 EDO G . -2.54 -22.08 -18.14
O1 EDO G . -3.14 -21.33 -17.09
C2 EDO G . -1.11 -22.51 -17.76
O2 EDO G . -0.24 -22.71 -18.92
H11 EDO G . -3.14 -22.97 -18.35
H12 EDO G . -2.49 -21.48 -19.05
HO1 EDO G . -4.04 -21.07 -17.36
H21 EDO G . -1.16 -23.45 -17.20
H22 EDO G . -0.67 -21.75 -17.10
HO2 EDO G . 0.64 -22.98 -18.61
C1 EDO H . 0.94 1.43 -5.82
O1 EDO H . 0.25 2.05 -6.94
C2 EDO H . 2.06 2.33 -5.26
O2 EDO H . 2.22 2.17 -3.84
H11 EDO H . 0.22 1.21 -5.04
H12 EDO H . 1.38 0.48 -6.15
HO1 EDO H . -0.44 1.46 -7.26
H21 EDO H . 3.00 2.11 -5.75
H22 EDO H . 1.81 3.38 -5.46
HO2 EDO H . 2.93 2.75 -3.53
C1 8YP I . 11.96 -6.75 -5.58
C2 8YP I . 13.13 -5.77 -5.37
C3 8YP I . 13.04 -4.54 -6.31
C4 8YP I . 13.98 -4.68 -7.51
C5 8YP I . 13.37 -4.04 -8.78
C6 8YP I . 14.36 -4.25 -9.92
C7 8YP I . 13.73 -4.36 -11.34
C8 8YP I . 14.22 -5.63 -12.05
H2 8YP I . 12.08 -7.53 -5.02
H3 8YP I . 11.94 -7.03 -6.52
H1 8YP I . 11.12 -6.31 -5.36
H4 8YP I . 13.97 -6.23 -5.54
H5 8YP I . 13.13 -5.46 -4.45
H7 8YP I . 12.13 -4.47 -6.63
H6 8YP I . 13.27 -3.74 -5.80
H9 8YP I . 14.82 -4.24 -7.32
H8 8YP I . 14.16 -5.61 -7.69
H11 8YP I . 12.53 -4.47 -8.99
H10 8YP I . 13.23 -3.09 -8.63
H13 8YP I . 14.98 -3.51 -9.92
H12 8YP I . 14.86 -5.07 -9.75
H15 8YP I . 12.75 -4.39 -11.25
H14 8YP I . 13.97 -3.58 -11.86
H17 8YP I . 14.35 -5.44 -13.00
H18 8YP I . 13.56 -6.33 -11.96
C1 EDO J . 10.29 -18.04 4.78
O1 EDO J . 11.67 -18.47 4.71
C2 EDO J . 9.49 -19.11 5.49
O2 EDO J . 9.45 -20.29 4.66
H11 EDO J . 10.23 -17.09 5.32
H12 EDO J . 9.91 -17.88 3.77
HO1 EDO J . 12.19 -17.79 4.25
H21 EDO J . 9.95 -19.35 6.44
H22 EDO J . 8.47 -18.75 5.67
HO2 EDO J . 8.94 -20.98 5.11
C1 EDO K . 14.04 -9.49 -12.96
O1 EDO K . 13.47 -10.32 -11.92
C2 EDO K . 13.08 -9.43 -14.18
O2 EDO K . 13.79 -8.97 -15.35
H11 EDO K . 14.19 -8.49 -12.57
H12 EDO K . 14.99 -9.90 -13.26
HO1 EDO K . 14.07 -10.35 -11.17
H21 EDO K . 12.68 -10.42 -14.37
H22 EDO K . 12.26 -8.75 -13.96
HO2 EDO K . 13.17 -8.93 -16.11
C1 MPD L . 12.88 21.78 27.12
C2 MPD L . 12.40 21.34 28.51
O2 MPD L . 13.39 21.71 29.51
CM MPD L . 11.05 22.04 28.79
C3 MPD L . 12.17 19.82 28.62
C4 MPD L . 13.44 18.97 28.46
O4 MPD L . 14.20 19.46 27.35
C5 MPD L . 14.30 19.03 29.74
C1 MPD M . -3.15 -5.59 0.34
C2 MPD M . -3.45 -4.75 1.59
O2 MPD M . -4.19 -3.62 1.13
CM MPD M . -4.27 -5.60 2.58
C3 MPD M . -2.16 -4.27 2.35
C4 MPD M . -1.37 -5.44 2.96
O4 MPD M . -0.92 -6.29 1.91
C5 MPD M . -0.16 -4.96 3.80
CL CL N . -4.40 3.92 -21.46
P PO4 O . 4.07 6.92 -28.24
O1 PO4 O . 3.28 7.24 -29.48
O2 PO4 O . 3.11 6.79 -27.06
O3 PO4 O . 5.03 8.06 -28.02
O4 PO4 O . 4.82 5.60 -28.41
#